data_3FPA
#
_entry.id   3FPA
#
_cell.length_a   55.128
_cell.length_b   104.453
_cell.length_c   151.133
_cell.angle_alpha   90.00
_cell.angle_beta   90.00
_cell.angle_gamma   90.00
#
_symmetry.space_group_name_H-M   'P 21 21 21'
#
loop_
_entity.id
_entity.type
_entity.pdbx_description
1 polymer 'Dethiobiotin synthetase'
2 non-polymer 'PHOSPHATE ION'
3 non-polymer '6-(5-METHYL-2-OXO-IMIDAZOLIDIN-4-YL)-HEXANOIC ACID'
4 non-polymer 'MAGNESIUM ION'
5 water water
#
_entity_poly.entity_id   1
_entity_poly.type   'polypeptide(L)'
_entity_poly.pdbx_seq_one_letter_code
;MGSSHHHHHHSSGLQGTENLYFQSHMTILVVTGTGTGVGKTVVCAALASAARQAGIDVAVCKPVQTGTARGDDDLAEVGR
LAGVTQLAGLARYPQPMAPAAAAEHAGMALPARDQIVRLIADLDRPGRLTLVEGAGGLLVELAEPGVTLRDVAVDVAAAA
LVVVTADLGTLNHTKLTLEALAAQQVS(CSX)AGLVIGSWPDPPGLVAASNRSALARIAMVRAALPAGAASLDAGDFAAM
SAAAFDRNWVAGLVG
;
_entity_poly.pdbx_strand_id   A,B,C,D
#
loop_
_chem_comp.id
_chem_comp.type
_chem_comp.name
_chem_comp.formula
DTB non-polymer '6-(5-METHYL-2-OXO-IMIDAZOLIDIN-4-YL)-HEXANOIC ACID' 'C10 H18 N2 O3'
MG non-polymer 'MAGNESIUM ION' 'Mg 2'
PO4 non-polymer 'PHOSPHATE ION' 'O4 P -3'
#
# COMPACT_ATOMS: atom_id res chain seq x y z
N PHE A 22 -19.74 15.71 -2.17
CA PHE A 22 -19.75 16.27 -3.56
C PHE A 22 -18.38 16.09 -4.28
N GLN A 23 -18.22 14.91 -4.91
CA GLN A 23 -17.15 14.69 -5.89
C GLN A 23 -17.52 15.46 -7.16
N SER A 24 -16.63 16.30 -7.64
CA SER A 24 -16.89 17.09 -8.85
C SER A 24 -16.45 16.37 -10.14
N HIS A 25 -15.84 15.20 -10.00
CA HIS A 25 -15.48 14.35 -11.12
C HIS A 25 -15.75 12.89 -10.78
N MET A 26 -15.69 12.03 -11.79
CA MET A 26 -15.93 10.59 -11.63
C MET A 26 -14.82 9.88 -10.86
N THR A 27 -15.14 8.71 -10.32
CA THR A 27 -14.12 7.82 -9.79
C THR A 27 -13.82 6.81 -10.90
N ILE A 28 -12.53 6.67 -11.25
CA ILE A 28 -12.14 5.70 -12.29
C ILE A 28 -11.49 4.49 -11.64
N LEU A 29 -12.03 3.31 -11.93
CA LEU A 29 -11.33 2.09 -11.58
C LEU A 29 -10.94 1.37 -12.85
N VAL A 30 -9.66 1.04 -12.93
CA VAL A 30 -9.12 0.24 -14.01
C VAL A 30 -9.28 -1.16 -13.41
N VAL A 31 -10.00 -2.02 -14.11
CA VAL A 31 -10.25 -3.36 -13.64
C VAL A 31 -9.34 -4.28 -14.46
N THR A 32 -8.28 -4.73 -13.82
CA THR A 32 -7.29 -5.55 -14.48
C THR A 32 -7.46 -6.98 -13.97
N GLY A 33 -6.54 -7.86 -14.33
CA GLY A 33 -6.64 -9.23 -13.86
C GLY A 33 -5.26 -9.83 -13.88
N THR A 34 -5.16 -11.01 -13.28
CA THR A 34 -3.91 -11.75 -13.31
C THR A 34 -3.74 -12.38 -14.68
N GLY A 35 -4.78 -12.27 -15.52
CA GLY A 35 -4.70 -12.70 -16.93
C GLY A 35 -5.98 -12.53 -17.75
N THR A 36 -6.09 -13.30 -18.81
CA THR A 36 -7.33 -13.36 -19.53
C THR A 36 -8.11 -14.58 -19.02
N GLY A 37 -9.42 -14.48 -18.97
CA GLY A 37 -10.18 -15.65 -18.57
C GLY A 37 -10.39 -15.77 -17.06
N VAL A 38 -10.09 -14.71 -16.33
CA VAL A 38 -10.15 -14.75 -14.86
C VAL A 38 -11.42 -14.15 -14.25
N GLY A 39 -12.30 -13.61 -15.10
CA GLY A 39 -13.55 -13.00 -14.62
C GLY A 39 -13.62 -11.47 -14.51
N LYS A 40 -12.73 -10.74 -15.20
CA LYS A 40 -12.75 -9.25 -15.27
C LYS A 40 -14.11 -8.67 -15.68
N THR A 41 -14.65 -9.26 -16.72
CA THR A 41 -15.87 -8.80 -17.31
C THR A 41 -17.06 -9.06 -16.39
N VAL A 42 -17.15 -10.25 -15.81
CA VAL A 42 -18.23 -10.57 -14.88
C VAL A 42 -18.11 -9.74 -13.59
N VAL A 43 -16.87 -9.41 -13.22
CA VAL A 43 -16.66 -8.52 -12.09
C VAL A 43 -17.06 -7.05 -12.34
N CYS A 44 -16.76 -6.51 -13.52
CA CYS A 44 -17.25 -5.20 -13.95
C CYS A 44 -18.76 -5.13 -13.88
N ALA A 45 -19.39 -6.12 -14.52
CA ALA A 45 -20.83 -6.33 -14.53
C ALA A 45 -21.47 -6.39 -13.11
N ALA A 46 -20.86 -7.18 -12.23
CA ALA A 46 -21.32 -7.29 -10.83
C ALA A 46 -21.10 -6.03 -9.98
N LEU A 47 -19.97 -5.34 -10.18
CA LEU A 47 -19.72 -4.08 -9.48
C LEU A 47 -20.61 -2.94 -10.03
N ALA A 48 -20.70 -2.86 -11.35
CA ALA A 48 -21.64 -1.95 -11.97
C ALA A 48 -23.04 -2.15 -11.37
N SER A 49 -23.45 -3.42 -11.25
CA SER A 49 -24.76 -3.77 -10.67
C SER A 49 -24.89 -3.41 -9.20
N ALA A 50 -23.91 -3.81 -8.39
CA ALA A 50 -23.93 -3.43 -6.97
C ALA A 50 -23.94 -1.92 -6.79
N ALA A 51 -23.25 -1.18 -7.65
CA ALA A 51 -23.13 0.28 -7.53
C ALA A 51 -24.40 0.99 -8.00
N ARG A 52 -25.00 0.52 -9.09
CA ARG A 52 -26.27 1.06 -9.55
C ARG A 52 -27.35 0.90 -8.48
N GLN A 53 -27.27 -0.19 -7.71
CA GLN A 53 -28.25 -0.45 -6.67
C GLN A 53 -27.99 0.38 -5.41
N ALA A 54 -26.81 0.99 -5.34
CA ALA A 54 -26.53 1.98 -4.29
C ALA A 54 -26.78 3.43 -4.76
N GLY A 55 -27.35 3.58 -5.96
CA GLY A 55 -27.64 4.91 -6.50
C GLY A 55 -26.51 5.57 -7.29
N ILE A 56 -25.43 4.84 -7.54
CA ILE A 56 -24.28 5.39 -8.28
C ILE A 56 -24.49 5.10 -9.75
N ASP A 57 -24.36 6.13 -10.58
CA ASP A 57 -24.33 6.00 -12.03
C ASP A 57 -23.03 5.34 -12.47
N VAL A 58 -23.11 4.36 -13.37
CA VAL A 58 -21.93 3.61 -13.79
C VAL A 58 -21.66 3.62 -15.30
N ALA A 59 -20.42 3.93 -15.65
CA ALA A 59 -20.00 3.74 -17.04
C ALA A 59 -18.97 2.62 -17.11
N VAL A 60 -19.04 1.82 -18.17
CA VAL A 60 -18.08 0.75 -18.36
C VAL A 60 -17.39 0.96 -19.71
N CYS A 61 -16.07 0.84 -19.70
CA CYS A 61 -15.25 1.18 -20.83
C CYS A 61 -14.34 -0.02 -21.17
N LYS A 62 -14.24 -0.34 -22.46
CA LYS A 62 -13.38 -1.40 -22.95
C LYS A 62 -12.60 -0.88 -24.15
N PRO A 63 -11.49 -0.17 -23.87
CA PRO A 63 -10.73 0.47 -24.94
C PRO A 63 -10.15 -0.47 -26.01
N VAL A 64 -9.83 -1.70 -25.62
CA VAL A 64 -9.33 -2.71 -26.58
C VAL A 64 -10.03 -4.07 -26.43
N GLN A 65 -10.81 -4.41 -27.44
CA GLN A 65 -11.54 -5.67 -27.51
C GLN A 65 -10.98 -6.50 -28.68
N THR A 66 -10.46 -7.68 -28.38
CA THR A 66 -10.04 -8.58 -29.46
C THR A 66 -11.01 -9.75 -29.49
N GLY A 67 -10.80 -10.66 -30.44
CA GLY A 67 -11.64 -11.84 -30.55
C GLY A 67 -13.07 -11.57 -30.95
N THR A 68 -13.32 -10.44 -31.62
CA THR A 68 -14.70 -10.07 -32.00
C THR A 68 -15.24 -10.99 -33.09
N ALA A 69 -14.33 -11.59 -33.86
CA ALA A 69 -14.73 -12.54 -34.92
C ALA A 69 -15.10 -13.90 -34.36
N ARG A 70 -14.88 -14.07 -33.05
CA ARG A 70 -15.30 -15.26 -32.29
C ARG A 70 -16.52 -14.88 -31.47
N GLY A 71 -16.99 -13.64 -31.62
CA GLY A 71 -18.17 -13.17 -30.91
C GLY A 71 -17.88 -12.55 -29.54
N ASP A 72 -16.60 -12.42 -29.21
CA ASP A 72 -16.22 -11.77 -27.96
C ASP A 72 -16.60 -10.30 -27.98
N ASP A 73 -17.36 -9.90 -26.99
CA ASP A 73 -17.76 -8.53 -26.83
C ASP A 73 -18.05 -8.31 -25.35
N ASP A 74 -17.08 -7.76 -24.61
CA ASP A 74 -17.20 -7.68 -23.17
C ASP A 74 -18.20 -6.61 -22.76
N LEU A 75 -18.26 -5.53 -23.55
CA LEU A 75 -19.21 -4.44 -23.34
C LEU A 75 -20.65 -4.94 -23.40
N ALA A 76 -20.98 -5.70 -24.45
CA ALA A 76 -22.31 -6.30 -24.60
C ALA A 76 -22.64 -7.26 -23.48
N GLU A 77 -21.65 -8.08 -23.09
CA GLU A 77 -21.81 -8.95 -21.94
C GLU A 77 -22.23 -8.21 -20.68
N VAL A 78 -21.59 -7.08 -20.38
CA VAL A 78 -21.92 -6.26 -19.21
C VAL A 78 -23.34 -5.64 -19.27
N GLY A 79 -23.73 -5.15 -20.44
CA GLY A 79 -25.08 -4.64 -20.63
C GLY A 79 -26.11 -5.73 -20.42
N ARG A 80 -25.84 -6.94 -20.94
CA ARG A 80 -26.68 -8.11 -20.70
C ARG A 80 -26.87 -8.41 -19.22
N LEU A 81 -25.79 -8.33 -18.46
CA LEU A 81 -25.81 -8.82 -17.08
C LEU A 81 -26.26 -7.78 -16.07
N ALA A 82 -25.73 -6.57 -16.22
CA ALA A 82 -26.00 -5.47 -15.29
C ALA A 82 -26.99 -4.43 -15.84
N GLY A 83 -27.27 -4.49 -17.13
CA GLY A 83 -28.25 -3.57 -17.73
C GLY A 83 -27.63 -2.22 -18.00
N VAL A 84 -26.31 -2.15 -17.84
CA VAL A 84 -25.53 -0.94 -18.09
C VAL A 84 -25.66 -0.62 -19.57
N THR A 85 -25.78 0.67 -19.88
CA THR A 85 -26.10 1.07 -21.23
C THR A 85 -25.04 2.10 -21.69
N GLN A 86 -24.47 2.79 -20.71
CA GLN A 86 -23.31 3.68 -20.91
C GLN A 86 -22.02 2.84 -21.08
N LEU A 87 -21.78 2.41 -22.32
CA LEU A 87 -20.75 1.43 -22.63
C LEU A 87 -19.84 2.09 -23.65
N ALA A 88 -18.54 2.21 -23.35
CA ALA A 88 -17.64 2.90 -24.26
C ALA A 88 -16.54 1.97 -24.77
N GLY A 89 -16.49 1.76 -26.09
CA GLY A 89 -15.42 0.97 -26.75
C GLY A 89 -14.61 1.84 -27.68
N LEU A 90 -13.57 1.28 -28.26
CA LEU A 90 -12.66 2.04 -29.13
C LEU A 90 -12.18 1.10 -30.22
N ALA A 91 -11.23 0.24 -29.88
CA ALA A 91 -10.64 -0.70 -30.84
C ALA A 91 -11.28 -2.08 -30.76
N ARG A 92 -11.56 -2.67 -31.92
CA ARG A 92 -12.10 -4.02 -32.01
C ARG A 92 -11.30 -4.80 -33.04
N TYR A 93 -10.66 -5.89 -32.62
CA TYR A 93 -9.90 -6.75 -33.55
C TYR A 93 -10.52 -8.14 -33.59
N PRO A 94 -10.65 -8.71 -34.80
CA PRO A 94 -11.33 -9.99 -34.98
C PRO A 94 -10.64 -11.20 -34.32
N GLN A 95 -9.32 -11.31 -34.43
CA GLN A 95 -8.64 -12.50 -33.91
C GLN A 95 -8.51 -12.53 -32.37
N PRO A 96 -8.78 -13.69 -31.75
CA PRO A 96 -8.65 -13.85 -30.28
C PRO A 96 -7.20 -13.95 -29.80
N MET A 97 -6.43 -12.89 -29.97
CA MET A 97 -5.05 -12.90 -29.54
C MET A 97 -4.69 -11.60 -28.81
N ALA A 98 -3.43 -11.46 -28.41
CA ALA A 98 -3.00 -10.22 -27.82
C ALA A 98 -3.36 -9.11 -28.82
N PRO A 99 -3.71 -7.91 -28.31
CA PRO A 99 -3.98 -6.72 -29.12
C PRO A 99 -3.00 -6.49 -30.26
N ALA A 100 -1.70 -6.51 -29.98
CA ALA A 100 -0.69 -6.19 -30.97
C ALA A 100 -0.72 -7.17 -32.12
N ALA A 101 -0.96 -8.44 -31.81
CA ALA A 101 -1.04 -9.49 -32.82
C ALA A 101 -2.40 -9.54 -33.51
N ALA A 102 -3.47 -9.36 -32.76
CA ALA A 102 -4.79 -9.24 -33.40
C ALA A 102 -4.84 -8.07 -34.41
N ALA A 103 -4.14 -6.97 -34.09
CA ALA A 103 -4.12 -5.80 -34.98
C ALA A 103 -3.34 -6.14 -36.23
N GLU A 104 -2.10 -6.60 -36.09
CA GLU A 104 -1.30 -7.06 -37.24
C GLU A 104 -2.05 -8.02 -38.15
N HIS A 105 -2.75 -8.99 -37.58
CA HIS A 105 -3.48 -9.94 -38.40
C HIS A 105 -4.55 -9.28 -39.27
N ALA A 106 -5.19 -8.22 -38.75
CA ALA A 106 -6.31 -7.60 -39.42
C ALA A 106 -5.84 -6.47 -40.31
N GLY A 107 -4.53 -6.27 -40.37
CA GLY A 107 -3.95 -5.14 -41.06
C GLY A 107 -4.32 -3.83 -40.39
N MET A 108 -4.63 -3.87 -39.11
CA MET A 108 -4.99 -2.65 -38.37
C MET A 108 -3.83 -2.16 -37.53
N ALA A 109 -4.00 -1.02 -36.88
CA ALA A 109 -3.01 -0.52 -35.95
C ALA A 109 -3.60 -0.53 -34.55
N LEU A 110 -2.74 -0.38 -33.54
CA LEU A 110 -3.18 -0.20 -32.15
C LEU A 110 -3.60 1.26 -31.95
N PRO A 111 -4.53 1.53 -31.02
CA PRO A 111 -4.88 2.95 -30.84
C PRO A 111 -3.74 3.65 -30.13
N ALA A 112 -3.79 4.98 -30.08
CA ALA A 112 -2.77 5.69 -29.32
C ALA A 112 -3.13 5.82 -27.83
N ARG A 113 -2.10 6.03 -27.01
CA ARG A 113 -2.29 6.29 -25.60
C ARG A 113 -3.41 7.33 -25.39
N ASP A 114 -3.40 8.37 -26.23
CA ASP A 114 -4.23 9.54 -26.07
C ASP A 114 -5.67 9.24 -26.35
N GLN A 115 -5.88 8.44 -27.38
CA GLN A 115 -7.22 7.99 -27.74
C GLN A 115 -7.88 7.23 -26.59
N ILE A 116 -7.08 6.45 -25.88
CA ILE A 116 -7.57 5.66 -24.77
C ILE A 116 -7.96 6.55 -23.60
N VAL A 117 -7.06 7.46 -23.27
CA VAL A 117 -7.27 8.40 -22.17
C VAL A 117 -8.48 9.31 -22.41
N ARG A 118 -8.65 9.71 -23.66
CA ARG A 118 -9.78 10.50 -24.11
C ARG A 118 -11.10 9.71 -24.08
N LEU A 119 -11.06 8.49 -24.57
CA LEU A 119 -12.23 7.63 -24.43
C LEU A 119 -12.67 7.63 -22.97
N ILE A 120 -11.71 7.54 -22.05
CA ILE A 120 -12.07 7.52 -20.63
C ILE A 120 -12.54 8.92 -20.13
N ALA A 121 -11.73 9.96 -20.32
CA ALA A 121 -12.07 11.31 -19.87
C ALA A 121 -13.41 11.88 -20.39
N ASP A 122 -13.81 11.54 -21.62
CA ASP A 122 -15.13 11.89 -22.12
C ASP A 122 -16.30 11.38 -21.28
N LEU A 123 -16.10 10.33 -20.48
CA LEU A 123 -17.16 9.77 -19.66
C LEU A 123 -17.44 10.56 -18.38
N ASP A 124 -16.59 11.56 -18.10
CA ASP A 124 -16.60 12.29 -16.84
C ASP A 124 -17.94 12.92 -16.48
N ARG A 125 -18.43 12.63 -15.27
CA ARG A 125 -19.57 13.32 -14.66
C ARG A 125 -19.33 13.23 -13.17
N PRO A 126 -19.83 14.21 -12.40
CA PRO A 126 -19.59 14.13 -10.95
C PRO A 126 -20.27 12.91 -10.36
N GLY A 127 -19.55 12.17 -9.52
CA GLY A 127 -20.09 11.03 -8.82
C GLY A 127 -20.46 9.81 -9.62
N ARG A 128 -19.98 9.76 -10.86
CA ARG A 128 -20.12 8.58 -11.72
C ARG A 128 -19.01 7.62 -11.31
N LEU A 129 -19.30 6.32 -11.36
CA LEU A 129 -18.24 5.34 -11.25
C LEU A 129 -17.93 4.80 -12.64
N THR A 130 -16.68 4.98 -13.08
CA THR A 130 -16.24 4.46 -14.38
C THR A 130 -15.26 3.27 -14.24
N LEU A 131 -15.63 2.16 -14.88
CA LEU A 131 -14.84 0.92 -14.83
C LEU A 131 -14.18 0.70 -16.17
N VAL A 132 -12.85 0.61 -16.18
CA VAL A 132 -12.11 0.37 -17.43
C VAL A 132 -11.53 -1.03 -17.42
N GLU A 133 -12.10 -1.91 -18.24
CA GLU A 133 -11.63 -3.30 -18.36
C GLU A 133 -10.51 -3.43 -19.37
N GLY A 134 -9.38 -3.95 -18.89
CA GLY A 134 -8.20 -4.21 -19.71
C GLY A 134 -8.43 -5.34 -20.68
N ALA A 135 -7.49 -5.54 -21.59
CA ALA A 135 -7.44 -6.77 -22.37
C ALA A 135 -6.39 -7.65 -21.72
N GLY A 136 -6.78 -8.81 -21.19
CA GLY A 136 -5.86 -9.67 -20.47
C GLY A 136 -5.41 -9.09 -19.13
N GLY A 137 -4.17 -9.36 -18.78
CA GLY A 137 -3.62 -8.93 -17.49
C GLY A 137 -2.89 -7.61 -17.68
N LEU A 138 -2.37 -7.11 -16.58
CA LEU A 138 -1.92 -5.73 -16.49
C LEU A 138 -0.96 -5.23 -17.58
N LEU A 139 -0.01 -6.07 -17.99
CA LEU A 139 1.07 -5.62 -18.87
C LEU A 139 0.88 -6.01 -20.32
N VAL A 140 -0.35 -6.29 -20.71
CA VAL A 140 -0.65 -6.42 -22.12
C VAL A 140 -0.52 -5.08 -22.81
N GLU A 141 0.05 -5.09 -24.01
CA GLU A 141 0.30 -3.85 -24.76
C GLU A 141 -0.98 -3.43 -25.41
N LEU A 142 -1.46 -2.22 -25.08
CA LEU A 142 -2.75 -1.74 -25.65
C LEU A 142 -2.57 -0.67 -26.70
N ALA A 143 -1.42 -0.02 -26.69
CA ALA A 143 -1.09 1.04 -27.62
C ALA A 143 0.42 1.00 -27.80
N GLU A 144 0.92 1.53 -28.92
CA GLU A 144 2.35 1.53 -29.16
C GLU A 144 3.03 2.76 -28.56
N PRO A 145 4.28 2.62 -28.07
CA PRO A 145 5.09 1.43 -28.03
C PRO A 145 5.15 0.88 -26.60
N GLY A 146 4.60 -0.32 -26.37
CA GLY A 146 4.61 -0.91 -25.03
C GLY A 146 3.83 -0.14 -23.99
N VAL A 147 2.74 0.50 -24.44
CA VAL A 147 1.79 1.14 -23.54
C VAL A 147 0.77 0.12 -23.04
N THR A 148 0.60 0.09 -21.72
CA THR A 148 -0.26 -0.87 -21.02
C THR A 148 -1.32 -0.12 -20.21
N LEU A 149 -2.29 -0.88 -19.70
CA LEU A 149 -3.36 -0.39 -18.83
C LEU A 149 -2.81 0.30 -17.60
N ARG A 150 -1.57 0.01 -17.27
CA ARG A 150 -0.97 0.56 -16.07
C ARG A 150 -0.55 2.04 -16.29
N ASP A 151 -0.11 2.35 -17.51
CA ASP A 151 0.23 3.71 -17.94
C ASP A 151 -1.06 4.55 -18.12
N VAL A 152 -2.08 3.93 -18.72
CA VAL A 152 -3.39 4.53 -18.76
C VAL A 152 -3.92 4.94 -17.37
N ALA A 153 -3.72 4.09 -16.38
CA ALA A 153 -4.16 4.36 -15.01
C ALA A 153 -3.39 5.53 -14.38
N VAL A 154 -2.13 5.67 -14.76
CA VAL A 154 -1.31 6.75 -14.28
C VAL A 154 -1.85 8.04 -14.90
N ASP A 155 -2.22 8.00 -16.19
CA ASP A 155 -2.69 9.18 -16.92
C ASP A 155 -4.04 9.71 -16.42
N VAL A 156 -4.94 8.82 -16.01
CA VAL A 156 -6.25 9.25 -15.61
C VAL A 156 -6.43 9.25 -14.08
N ALA A 157 -5.31 9.05 -13.36
CA ALA A 157 -5.31 8.84 -11.91
C ALA A 157 -6.32 7.79 -11.39
N ALA A 158 -6.34 6.62 -12.04
CA ALA A 158 -7.21 5.50 -11.65
C ALA A 158 -6.56 4.65 -10.55
N ALA A 159 -7.38 4.10 -9.66
CA ALA A 159 -6.97 3.01 -8.77
C ALA A 159 -7.27 1.73 -9.53
N ALA A 160 -6.59 0.65 -9.18
CA ALA A 160 -6.76 -0.62 -9.88
C ALA A 160 -7.54 -1.63 -9.06
N LEU A 161 -8.49 -2.28 -9.71
CA LEU A 161 -9.18 -3.40 -9.09
C LEU A 161 -8.65 -4.63 -9.83
N VAL A 162 -8.11 -5.60 -9.09
CA VAL A 162 -7.55 -6.76 -9.79
C VAL A 162 -8.32 -8.07 -9.57
N VAL A 163 -8.63 -8.73 -10.69
CA VAL A 163 -9.42 -9.94 -10.66
C VAL A 163 -8.46 -11.14 -10.71
N VAL A 164 -8.68 -12.08 -9.79
CA VAL A 164 -7.81 -13.24 -9.58
C VAL A 164 -8.67 -14.51 -9.57
N THR A 165 -8.03 -15.67 -9.71
CA THR A 165 -8.71 -16.94 -9.60
C THR A 165 -8.47 -17.38 -8.18
N ALA A 166 -9.11 -18.48 -7.78
CA ALA A 166 -8.83 -19.15 -6.50
C ALA A 166 -7.94 -20.37 -6.76
N ASP A 167 -7.48 -20.52 -7.99
CA ASP A 167 -6.72 -21.68 -8.41
C ASP A 167 -5.22 -21.63 -8.05
N LEU A 168 -4.56 -22.78 -8.18
CA LEU A 168 -3.13 -22.93 -8.04
C LEU A 168 -2.41 -22.02 -9.00
N GLY A 169 -1.48 -21.22 -8.50
CA GLY A 169 -0.84 -20.19 -9.33
C GLY A 169 -1.36 -18.79 -9.01
N THR A 170 -2.49 -18.70 -8.30
CA THR A 170 -3.07 -17.37 -8.10
C THR A 170 -2.24 -16.40 -7.26
N LEU A 171 -1.50 -16.93 -6.30
CA LEU A 171 -0.77 -16.08 -5.37
C LEU A 171 0.46 -15.47 -6.01
N ASN A 172 1.18 -16.25 -6.79
CA ASN A 172 2.28 -15.71 -7.56
C ASN A 172 1.82 -14.68 -8.59
N HIS A 173 0.75 -14.98 -9.30
CA HIS A 173 0.29 -14.09 -10.37
C HIS A 173 -0.23 -12.82 -9.79
N THR A 174 -0.99 -12.90 -8.69
CA THR A 174 -1.48 -11.66 -8.04
C THR A 174 -0.37 -10.81 -7.39
N LYS A 175 0.59 -11.45 -6.73
CA LYS A 175 1.73 -10.72 -6.15
C LYS A 175 2.51 -10.05 -7.28
N LEU A 176 2.62 -10.73 -8.42
CA LEU A 176 3.29 -10.13 -9.57
C LEU A 176 2.59 -8.87 -10.05
N THR A 177 1.26 -8.95 -10.08
CA THR A 177 0.40 -7.90 -10.57
C THR A 177 0.42 -6.69 -9.61
N LEU A 178 0.23 -6.94 -8.31
CA LEU A 178 0.37 -5.91 -7.29
C LEU A 178 1.69 -5.15 -7.28
N GLU A 179 2.78 -5.86 -7.49
CA GLU A 179 4.11 -5.26 -7.45
C GLU A 179 4.35 -4.36 -8.66
N ALA A 180 3.87 -4.78 -9.83
CA ALA A 180 3.95 -3.92 -11.00
C ALA A 180 3.08 -2.66 -10.86
N LEU A 181 1.91 -2.79 -10.26
CA LEU A 181 1.12 -1.60 -9.96
C LEU A 181 1.88 -0.64 -9.06
N ALA A 182 2.50 -1.17 -8.00
CA ALA A 182 3.19 -0.32 -7.03
C ALA A 182 4.42 0.37 -7.63
N ALA A 183 5.02 -0.25 -8.64
CA ALA A 183 6.19 0.30 -9.31
C ALA A 183 5.91 1.64 -10.02
N GLN A 184 4.65 1.90 -10.36
CA GLN A 184 4.23 3.17 -10.98
C GLN A 184 3.29 3.94 -10.06
N GLN A 185 3.18 3.48 -8.82
CA GLN A 185 2.37 4.13 -7.81
C GLN A 185 0.91 4.20 -8.23
N VAL A 186 0.42 3.18 -8.94
CA VAL A 186 -1.01 3.04 -9.17
C VAL A 186 -1.56 2.34 -7.94
N SER A 187 -2.47 3.00 -7.23
CA SER A 187 -2.96 2.43 -5.98
C SER A 187 -3.96 1.27 -6.22
N CSX A 188 -4.00 0.34 -5.27
CA CSX A 188 -4.88 -0.85 -5.34
CB CSX A 188 -4.10 -2.11 -4.89
SG CSX A 188 -4.99 -3.68 -5.18
C CSX A 188 -6.16 -0.65 -4.56
O CSX A 188 -6.14 -0.25 -3.37
OD CSX A 188 -4.98 -3.99 -3.56
N ALA A 189 -7.28 -0.90 -5.21
CA ALA A 189 -8.60 -0.72 -4.64
C ALA A 189 -9.03 -2.07 -4.03
N GLY A 190 -8.31 -3.10 -4.45
CA GLY A 190 -8.51 -4.44 -3.89
C GLY A 190 -8.56 -5.56 -4.91
N LEU A 191 -8.80 -6.75 -4.39
CA LEU A 191 -8.89 -7.97 -5.17
C LEU A 191 -10.33 -8.44 -5.34
N VAL A 192 -10.63 -9.08 -6.46
CA VAL A 192 -11.89 -9.80 -6.59
C VAL A 192 -11.64 -11.22 -7.13
N ILE A 193 -12.03 -12.25 -6.38
CA ILE A 193 -12.06 -13.60 -6.92
C ILE A 193 -13.18 -13.73 -7.98
N GLY A 194 -12.79 -13.97 -9.22
CA GLY A 194 -13.75 -13.95 -10.32
C GLY A 194 -14.68 -15.16 -10.35
N SER A 195 -14.22 -16.26 -9.76
CA SER A 195 -15.03 -17.49 -9.70
C SER A 195 -14.71 -18.28 -8.43
N TRP A 196 -15.70 -18.41 -7.58
CA TRP A 196 -15.54 -19.01 -6.31
C TRP A 196 -16.42 -20.27 -6.27
N PRO A 197 -15.79 -21.46 -6.13
CA PRO A 197 -16.40 -22.78 -6.23
C PRO A 197 -17.28 -23.15 -5.06
N ASP A 198 -18.29 -23.97 -5.32
CA ASP A 198 -19.10 -24.56 -4.25
C ASP A 198 -19.16 -26.09 -4.27
N PRO A 199 -18.71 -26.71 -3.16
CA PRO A 199 -18.07 -25.87 -2.16
C PRO A 199 -16.59 -25.72 -2.50
N PRO A 200 -15.86 -24.92 -1.72
CA PRO A 200 -14.41 -24.79 -1.93
C PRO A 200 -13.64 -26.00 -1.42
N GLY A 201 -12.65 -26.46 -2.18
CA GLY A 201 -11.78 -27.50 -1.68
C GLY A 201 -10.75 -26.84 -0.79
N LEU A 202 -9.67 -27.56 -0.52
CA LEU A 202 -8.62 -27.08 0.37
C LEU A 202 -7.72 -26.06 -0.30
N VAL A 203 -7.45 -26.24 -1.59
CA VAL A 203 -6.58 -25.32 -2.29
C VAL A 203 -7.30 -23.98 -2.38
N ALA A 204 -8.54 -24.01 -2.83
CA ALA A 204 -9.35 -22.80 -2.91
C ALA A 204 -9.45 -22.10 -1.55
N ALA A 205 -9.76 -22.80 -0.49
CA ALA A 205 -9.86 -22.17 0.83
C ALA A 205 -8.54 -21.55 1.30
N SER A 206 -7.42 -22.22 1.05
CA SER A 206 -6.15 -21.65 1.47
C SER A 206 -5.68 -20.52 0.55
N ASN A 207 -6.02 -20.58 -0.74
CA ASN A 207 -5.77 -19.46 -1.63
C ASN A 207 -6.50 -18.20 -1.21
N ARG A 208 -7.76 -18.33 -0.82
CA ARG A 208 -8.53 -17.19 -0.35
C ARG A 208 -7.99 -16.58 0.94
N SER A 209 -7.52 -17.43 1.85
CA SER A 209 -6.95 -16.90 3.11
C SER A 209 -5.64 -16.20 2.83
N ALA A 210 -4.81 -16.80 2.00
CA ALA A 210 -3.53 -16.23 1.63
C ALA A 210 -3.73 -14.92 0.86
N LEU A 211 -4.72 -14.88 -0.02
CA LEU A 211 -5.06 -13.67 -0.80
C LEU A 211 -5.50 -12.53 0.10
N ALA A 212 -6.26 -12.86 1.14
CA ALA A 212 -6.69 -11.90 2.16
C ALA A 212 -5.57 -11.38 3.08
N ARG A 213 -4.35 -11.95 3.00
CA ARG A 213 -3.21 -11.41 3.75
C ARG A 213 -2.42 -10.42 2.92
N ILE A 214 -2.56 -10.46 1.61
CA ILE A 214 -1.79 -9.55 0.76
C ILE A 214 -2.57 -8.31 0.35
N ALA A 215 -3.90 -8.34 0.52
CA ALA A 215 -4.76 -7.27 0.05
C ALA A 215 -6.18 -7.39 0.54
N MET A 216 -6.92 -6.29 0.49
CA MET A 216 -8.38 -6.33 0.69
C MET A 216 -9.03 -7.13 -0.42
N VAL A 217 -9.71 -8.22 -0.06
CA VAL A 217 -10.49 -9.01 -1.00
C VAL A 217 -11.92 -8.44 -0.99
N ARG A 218 -12.32 -7.88 -2.11
CA ARG A 218 -13.53 -7.07 -2.17
C ARG A 218 -14.76 -7.95 -2.38
N ALA A 219 -14.55 -9.09 -3.01
CA ALA A 219 -15.65 -10.01 -3.31
C ALA A 219 -15.09 -11.28 -3.93
N ALA A 220 -15.98 -12.27 -4.04
CA ALA A 220 -15.62 -13.55 -4.58
C ALA A 220 -16.86 -14.07 -5.26
N LEU A 221 -16.93 -13.85 -6.58
CA LEU A 221 -18.16 -14.19 -7.30
C LEU A 221 -18.33 -15.69 -7.38
N PRO A 222 -19.56 -16.16 -7.13
CA PRO A 222 -19.84 -17.58 -7.19
C PRO A 222 -19.50 -18.08 -8.57
N ALA A 223 -18.96 -19.29 -8.65
CA ALA A 223 -18.76 -19.93 -9.93
C ALA A 223 -20.09 -19.93 -10.71
N GLY A 224 -20.02 -19.64 -12.00
CA GLY A 224 -21.22 -19.57 -12.83
C GLY A 224 -22.08 -18.31 -12.73
N ALA A 225 -21.52 -17.22 -12.21
CA ALA A 225 -22.28 -15.95 -12.09
C ALA A 225 -22.66 -15.35 -13.44
N ALA A 226 -21.79 -15.50 -14.43
CA ALA A 226 -21.94 -14.87 -15.74
C ALA A 226 -23.13 -15.46 -16.49
N SER A 227 -23.78 -16.39 -15.80
CA SER A 227 -24.74 -17.29 -16.36
C SER A 227 -26.13 -17.08 -15.73
N LEU A 228 -26.20 -16.21 -14.73
CA LEU A 228 -27.46 -15.89 -14.09
C LEU A 228 -28.35 -14.95 -14.92
N ASP A 229 -29.64 -14.97 -14.59
CA ASP A 229 -30.63 -14.01 -15.08
C ASP A 229 -30.22 -12.64 -14.58
N ALA A 230 -30.64 -11.60 -15.28
CA ALA A 230 -30.44 -10.23 -14.82
C ALA A 230 -30.88 -10.07 -13.36
N GLY A 231 -31.98 -10.72 -13.00
CA GLY A 231 -32.53 -10.57 -11.64
C GLY A 231 -31.73 -11.35 -10.60
N ASP A 232 -31.25 -12.52 -11.00
CA ASP A 232 -30.38 -13.31 -10.16
C ASP A 232 -29.03 -12.64 -10.01
N PHE A 233 -28.46 -12.23 -11.13
CA PHE A 233 -27.18 -11.58 -11.15
C PHE A 233 -27.17 -10.35 -10.27
N ALA A 234 -28.30 -9.64 -10.24
CA ALA A 234 -28.42 -8.38 -9.51
C ALA A 234 -28.40 -8.64 -8.01
N ALA A 235 -29.07 -9.71 -7.60
CA ALA A 235 -29.14 -10.14 -6.20
C ALA A 235 -27.78 -10.61 -5.74
N MET A 236 -27.14 -11.40 -6.59
CA MET A 236 -25.79 -11.88 -6.39
C MET A 236 -24.82 -10.71 -6.16
N SER A 237 -24.83 -9.74 -7.06
CA SER A 237 -23.87 -8.61 -7.01
C SER A 237 -24.03 -7.73 -5.76
N ALA A 238 -25.26 -7.58 -5.27
CA ALA A 238 -25.52 -6.86 -4.01
C ALA A 238 -25.01 -7.61 -2.78
N ALA A 239 -25.17 -8.94 -2.78
CA ALA A 239 -24.63 -9.78 -1.73
C ALA A 239 -23.11 -9.89 -1.78
N ALA A 240 -22.54 -9.81 -3.00
CA ALA A 240 -21.10 -10.05 -3.21
C ALA A 240 -20.19 -9.03 -2.54
N PHE A 241 -20.52 -7.75 -2.63
CA PHE A 241 -19.63 -6.67 -2.17
C PHE A 241 -20.07 -6.09 -0.84
N ASP A 242 -19.12 -5.59 -0.07
CA ASP A 242 -19.46 -4.79 1.10
C ASP A 242 -20.05 -3.43 0.66
N ARG A 243 -21.27 -3.18 1.10
CA ARG A 243 -22.00 -1.99 0.71
C ARG A 243 -21.33 -0.70 1.12
N ASN A 244 -20.57 -0.75 2.22
CA ASN A 244 -19.87 0.44 2.66
C ASN A 244 -18.66 0.74 1.78
N TRP A 245 -18.09 -0.29 1.16
CA TRP A 245 -16.97 -0.08 0.28
C TRP A 245 -17.46 0.52 -1.02
N VAL A 246 -18.49 -0.11 -1.59
CA VAL A 246 -19.11 0.32 -2.83
C VAL A 246 -19.62 1.73 -2.66
N ALA A 247 -20.24 2.00 -1.53
CA ALA A 247 -20.84 3.32 -1.27
C ALA A 247 -19.80 4.42 -1.20
N GLY A 248 -18.60 4.11 -0.69
CA GLY A 248 -17.54 5.11 -0.56
C GLY A 248 -16.71 5.26 -1.81
N LEU A 249 -17.12 4.61 -2.89
CA LEU A 249 -16.34 4.66 -4.12
C LEU A 249 -16.34 6.03 -4.76
N VAL A 250 -17.43 6.78 -4.54
CA VAL A 250 -17.66 8.04 -5.23
C VAL A 250 -18.08 9.14 -4.24
N GLY A 251 -17.31 9.27 -3.16
CA GLY A 251 -17.57 10.31 -2.16
C GLY A 251 -17.36 9.79 -0.75
N HIS B 25 34.49 -18.37 -7.91
CA HIS B 25 33.26 -17.59 -8.10
C HIS B 25 32.17 -18.42 -8.81
N MET B 26 30.92 -18.08 -8.54
CA MET B 26 29.82 -19.03 -8.64
C MET B 26 29.14 -19.13 -9.98
N THR B 27 28.88 -20.37 -10.38
CA THR B 27 28.09 -20.64 -11.57
C THR B 27 26.73 -21.34 -11.28
N ILE B 28 25.84 -20.61 -10.61
CA ILE B 28 24.50 -21.06 -10.30
C ILE B 28 23.47 -20.38 -11.23
N LEU B 29 22.52 -21.17 -11.74
CA LEU B 29 21.38 -20.65 -12.48
C LEU B 29 20.13 -21.01 -11.74
N VAL B 30 19.35 -20.01 -11.37
CA VAL B 30 18.02 -20.27 -10.86
C VAL B 30 17.12 -20.52 -12.06
N VAL B 31 16.29 -21.54 -11.96
CA VAL B 31 15.36 -21.83 -13.05
C VAL B 31 13.93 -21.55 -12.60
N THR B 32 13.39 -20.44 -13.06
CA THR B 32 12.08 -20.07 -12.61
C THR B 32 11.08 -20.17 -13.77
N GLY B 33 9.84 -19.78 -13.52
CA GLY B 33 8.81 -19.85 -14.53
C GLY B 33 7.76 -18.82 -14.28
N THR B 34 6.82 -18.71 -15.20
CA THR B 34 5.73 -17.76 -15.07
C THR B 34 4.64 -18.32 -14.18
N GLY B 35 4.75 -19.60 -13.84
CA GLY B 35 3.81 -20.25 -12.95
C GLY B 35 4.19 -21.69 -12.67
N THR B 36 3.27 -22.46 -12.10
CA THR B 36 3.45 -23.90 -11.94
C THR B 36 2.86 -24.64 -13.15
N GLY B 37 3.49 -25.75 -13.52
CA GLY B 37 3.03 -26.54 -14.67
C GLY B 37 3.44 -25.99 -16.03
N VAL B 38 4.44 -25.13 -16.08
CA VAL B 38 4.88 -24.52 -17.35
C VAL B 38 6.09 -25.23 -18.01
N GLY B 39 6.68 -26.22 -17.33
CA GLY B 39 7.88 -26.94 -17.81
C GLY B 39 9.21 -26.63 -17.12
N LYS B 40 9.20 -25.99 -15.95
CA LYS B 40 10.47 -25.76 -15.24
C LYS B 40 11.24 -27.07 -15.04
N THR B 41 10.56 -28.12 -14.58
CA THR B 41 11.26 -29.35 -14.31
C THR B 41 11.85 -29.98 -15.57
N VAL B 42 11.09 -30.03 -16.65
CA VAL B 42 11.61 -30.64 -17.90
C VAL B 42 12.69 -29.77 -18.51
N VAL B 43 12.61 -28.46 -18.32
CA VAL B 43 13.66 -27.56 -18.77
C VAL B 43 15.00 -27.72 -18.02
N CYS B 44 14.94 -27.95 -16.71
CA CYS B 44 16.13 -28.25 -15.92
C CYS B 44 16.77 -29.52 -16.44
N ALA B 45 15.95 -30.52 -16.70
CA ALA B 45 16.42 -31.79 -17.24
C ALA B 45 17.04 -31.62 -18.61
N ALA B 46 16.45 -30.76 -19.44
CA ALA B 46 16.96 -30.60 -20.80
C ALA B 46 18.24 -29.79 -20.80
N LEU B 47 18.31 -28.78 -19.95
CA LEU B 47 19.52 -27.99 -19.83
C LEU B 47 20.66 -28.82 -19.23
N ALA B 48 20.33 -29.61 -18.21
CA ALA B 48 21.29 -30.48 -17.56
C ALA B 48 21.87 -31.49 -18.56
N SER B 49 20.99 -32.14 -19.32
CA SER B 49 21.42 -33.08 -20.34
C SER B 49 22.32 -32.43 -21.39
N ALA B 50 21.91 -31.28 -21.92
CA ALA B 50 22.73 -30.58 -22.88
C ALA B 50 24.08 -30.23 -22.26
N ALA B 51 24.05 -29.75 -21.02
CA ALA B 51 25.31 -29.41 -20.29
C ALA B 51 26.18 -30.64 -20.06
N ARG B 52 25.56 -31.75 -19.64
CA ARG B 52 26.30 -33.01 -19.48
C ARG B 52 26.98 -33.45 -20.78
N GLN B 53 26.30 -33.26 -21.92
CA GLN B 53 26.83 -33.76 -23.19
C GLN B 53 27.99 -32.89 -23.69
N ALA B 54 28.00 -31.64 -23.23
CA ALA B 54 29.10 -30.74 -23.46
C ALA B 54 30.27 -31.01 -22.47
N GLY B 55 30.13 -32.03 -21.63
CA GLY B 55 31.14 -32.39 -20.66
C GLY B 55 31.12 -31.53 -19.41
N ILE B 56 29.97 -30.97 -19.07
CA ILE B 56 29.85 -30.13 -17.88
C ILE B 56 29.18 -30.91 -16.77
N ASP B 57 29.76 -30.85 -15.57
CA ASP B 57 29.16 -31.47 -14.37
C ASP B 57 27.96 -30.66 -13.94
N VAL B 58 26.87 -31.33 -13.58
CA VAL B 58 25.60 -30.64 -13.27
C VAL B 58 25.02 -31.07 -11.93
N ALA B 59 24.62 -30.11 -11.12
CA ALA B 59 23.89 -30.42 -9.90
C ALA B 59 22.52 -29.79 -10.02
N VAL B 60 21.47 -30.45 -9.52
CA VAL B 60 20.17 -29.83 -9.49
C VAL B 60 19.59 -29.80 -8.08
N CYS B 61 19.23 -28.60 -7.63
CA CYS B 61 18.61 -28.44 -6.32
C CYS B 61 17.13 -28.04 -6.45
N LYS B 62 16.27 -28.82 -5.80
CA LYS B 62 14.91 -28.40 -5.55
C LYS B 62 14.65 -28.39 -4.06
N PRO B 63 14.91 -27.24 -3.40
CA PRO B 63 14.80 -27.11 -1.93
C PRO B 63 13.47 -27.60 -1.39
N VAL B 64 12.38 -27.23 -2.04
CA VAL B 64 11.06 -27.57 -1.52
C VAL B 64 10.19 -28.18 -2.60
N GLN B 65 9.59 -29.31 -2.25
CA GLN B 65 8.77 -30.09 -3.16
C GLN B 65 7.44 -30.38 -2.47
N THR B 66 6.35 -30.09 -3.17
CA THR B 66 5.02 -30.40 -2.65
C THR B 66 4.38 -31.47 -3.55
N GLY B 67 3.27 -32.04 -3.09
CA GLY B 67 2.49 -33.00 -3.88
C GLY B 67 3.09 -34.39 -3.88
N THR B 68 3.51 -34.86 -2.72
CA THR B 68 4.21 -36.13 -2.63
C THR B 68 3.22 -37.28 -2.34
N ALA B 69 1.93 -36.97 -2.44
CA ALA B 69 0.89 -37.96 -2.32
C ALA B 69 0.28 -38.16 -3.71
N ARG B 70 0.30 -37.11 -4.53
CA ARG B 70 0.09 -37.23 -5.96
C ARG B 70 1.18 -38.13 -6.53
N GLY B 71 2.31 -38.18 -5.83
CA GLY B 71 3.49 -38.86 -6.35
C GLY B 71 4.51 -37.92 -6.98
N ASP B 72 4.34 -36.61 -6.75
CA ASP B 72 5.25 -35.62 -7.35
C ASP B 72 6.68 -35.72 -6.79
N ASP B 73 7.66 -35.69 -7.69
CA ASP B 73 9.08 -35.72 -7.32
C ASP B 73 9.89 -35.27 -8.52
N ASP B 74 10.19 -33.99 -8.59
CA ASP B 74 10.85 -33.40 -9.73
C ASP B 74 12.31 -33.83 -9.88
N LEU B 75 12.99 -34.02 -8.76
CA LEU B 75 14.39 -34.40 -8.78
C LEU B 75 14.49 -35.80 -9.38
N ALA B 76 13.50 -36.63 -9.07
CA ALA B 76 13.41 -37.96 -9.64
C ALA B 76 13.26 -37.86 -11.16
N GLU B 77 12.34 -37.01 -11.61
CA GLU B 77 12.19 -36.65 -13.03
C GLU B 77 13.47 -36.29 -13.74
N VAL B 78 14.21 -35.33 -13.16
CA VAL B 78 15.51 -34.89 -13.68
C VAL B 78 16.55 -36.02 -13.77
N GLY B 79 16.53 -36.90 -12.76
CA GLY B 79 17.45 -38.05 -12.69
C GLY B 79 17.22 -38.98 -13.85
N ARG B 80 15.95 -39.35 -14.04
CA ARG B 80 15.55 -40.28 -15.08
C ARG B 80 15.77 -39.72 -16.48
N LEU B 81 15.46 -38.44 -16.68
CA LEU B 81 15.52 -37.87 -18.02
C LEU B 81 16.94 -37.49 -18.40
N ALA B 82 17.67 -36.91 -17.46
CA ALA B 82 19.01 -36.40 -17.78
C ALA B 82 20.15 -37.17 -17.12
N GLY B 83 19.84 -38.08 -16.21
CA GLY B 83 20.88 -38.87 -15.53
C GLY B 83 21.73 -38.15 -14.47
N VAL B 84 21.29 -36.97 -14.06
CA VAL B 84 21.97 -36.20 -13.02
C VAL B 84 21.84 -36.98 -11.72
N THR B 85 22.90 -37.03 -10.91
CA THR B 85 22.87 -37.77 -9.64
C THR B 85 23.02 -36.80 -8.47
N GLN B 86 23.58 -35.63 -8.71
CA GLN B 86 23.68 -34.61 -7.66
C GLN B 86 22.35 -33.84 -7.60
N LEU B 87 21.41 -34.39 -6.82
CA LEU B 87 20.03 -33.95 -6.75
C LEU B 87 19.74 -33.67 -5.29
N ALA B 88 19.57 -32.39 -4.94
CA ALA B 88 19.50 -31.99 -3.53
C ALA B 88 18.17 -31.33 -3.16
N GLY B 89 17.60 -31.70 -2.03
CA GLY B 89 16.36 -31.06 -1.60
C GLY B 89 16.36 -31.02 -0.10
N LEU B 90 15.39 -30.30 0.49
CA LEU B 90 15.35 -30.06 1.94
C LEU B 90 14.05 -30.46 2.59
N ALA B 91 12.95 -30.37 1.83
CA ALA B 91 11.61 -30.61 2.39
C ALA B 91 10.65 -31.13 1.32
N ARG B 92 9.67 -31.92 1.75
CA ARG B 92 8.71 -32.54 0.82
C ARG B 92 7.36 -32.50 1.49
N TYR B 93 6.36 -31.98 0.79
CA TYR B 93 5.04 -31.86 1.42
C TYR B 93 4.02 -32.70 0.64
N PRO B 94 3.21 -33.50 1.35
CA PRO B 94 2.22 -34.35 0.69
C PRO B 94 1.15 -33.56 -0.10
N GLN B 95 0.57 -32.52 0.51
CA GLN B 95 -0.52 -31.77 -0.12
C GLN B 95 -0.03 -31.00 -1.33
N PRO B 96 -0.78 -31.09 -2.46
CA PRO B 96 -0.44 -30.41 -3.73
C PRO B 96 -0.80 -28.92 -3.71
N MET B 97 -0.13 -28.16 -2.84
CA MET B 97 -0.42 -26.76 -2.60
C MET B 97 0.88 -25.96 -2.68
N ALA B 98 0.78 -24.64 -2.67
CA ALA B 98 1.97 -23.80 -2.55
C ALA B 98 2.69 -24.21 -1.27
N PRO B 99 4.04 -24.23 -1.30
CA PRO B 99 4.83 -24.62 -0.14
C PRO B 99 4.32 -24.09 1.21
N ALA B 100 4.00 -22.81 1.31
CA ALA B 100 3.61 -22.21 2.59
C ALA B 100 2.27 -22.74 3.10
N ALA B 101 1.38 -23.03 2.16
CA ALA B 101 0.06 -23.62 2.41
C ALA B 101 0.16 -25.10 2.79
N ALA B 102 0.99 -25.83 2.04
CA ALA B 102 1.33 -27.21 2.36
C ALA B 102 1.89 -27.33 3.78
N ALA B 103 2.82 -26.44 4.11
CA ALA B 103 3.47 -26.40 5.40
C ALA B 103 2.44 -26.21 6.49
N GLU B 104 1.61 -25.17 6.34
CA GLU B 104 0.54 -24.82 7.30
C GLU B 104 -0.50 -25.91 7.54
N HIS B 105 -0.81 -26.70 6.52
CA HIS B 105 -1.76 -27.83 6.65
C HIS B 105 -1.19 -28.95 7.52
N ALA B 106 0.14 -29.11 7.45
CA ALA B 106 0.87 -30.24 8.06
C ALA B 106 1.27 -29.90 9.48
N GLY B 107 1.27 -28.60 9.76
CA GLY B 107 1.76 -28.06 11.02
C GLY B 107 3.27 -28.13 11.11
N MET B 108 3.96 -27.80 10.02
CA MET B 108 5.41 -27.96 9.91
C MET B 108 6.06 -26.89 9.01
N ALA B 109 6.79 -25.96 9.62
CA ALA B 109 7.35 -24.82 8.92
C ALA B 109 8.21 -25.17 7.70
N LEU B 110 8.39 -24.17 6.85
CA LEU B 110 9.29 -24.27 5.69
C LEU B 110 10.75 -24.22 6.14
N PRO B 111 11.68 -24.66 5.27
CA PRO B 111 13.09 -24.54 5.60
C PRO B 111 13.39 -23.07 5.90
N ALA B 112 14.66 -22.74 6.14
CA ALA B 112 15.02 -21.37 6.42
C ALA B 112 15.80 -20.80 5.26
N ARG B 113 15.76 -19.48 5.12
CA ARG B 113 16.44 -18.80 4.04
C ARG B 113 17.89 -19.24 3.90
N ASP B 114 18.60 -19.24 5.01
CA ASP B 114 20.04 -19.50 4.98
C ASP B 114 20.36 -20.99 4.72
N GLN B 115 19.50 -21.87 5.22
CA GLN B 115 19.47 -23.29 4.81
C GLN B 115 19.48 -23.50 3.31
N ILE B 116 18.66 -22.73 2.60
CA ILE B 116 18.56 -22.88 1.15
C ILE B 116 19.80 -22.32 0.46
N VAL B 117 20.19 -21.10 0.84
CA VAL B 117 21.34 -20.43 0.24
C VAL B 117 22.66 -21.19 0.44
N ARG B 118 22.85 -21.81 1.60
CA ARG B 118 24.06 -22.59 1.86
C ARG B 118 24.07 -23.94 1.13
N LEU B 119 22.95 -24.64 1.15
CA LEU B 119 22.78 -25.86 0.36
C LEU B 119 23.28 -25.64 -1.06
N ILE B 120 22.71 -24.60 -1.67
CA ILE B 120 23.03 -24.19 -3.02
C ILE B 120 24.47 -23.75 -3.22
N ALA B 121 25.00 -22.97 -2.28
CA ALA B 121 26.39 -22.53 -2.40
C ALA B 121 27.38 -23.68 -2.18
N ASP B 122 26.97 -24.69 -1.40
CA ASP B 122 27.76 -25.91 -1.22
C ASP B 122 27.79 -26.80 -2.46
N LEU B 123 26.69 -26.83 -3.20
CA LEU B 123 26.59 -27.65 -4.41
C LEU B 123 27.56 -27.15 -5.44
N ASP B 124 27.62 -25.83 -5.53
CA ASP B 124 28.45 -25.16 -6.50
C ASP B 124 29.94 -25.49 -6.36
N ARG B 125 30.59 -25.72 -7.50
CA ARG B 125 32.05 -25.81 -7.62
C ARG B 125 32.49 -25.47 -9.05
N PRO B 126 33.81 -25.31 -9.27
CA PRO B 126 34.31 -24.83 -10.57
C PRO B 126 33.99 -25.82 -11.69
N GLY B 127 33.56 -25.30 -12.85
CA GLY B 127 33.18 -26.14 -13.99
C GLY B 127 31.83 -26.85 -13.90
N ARG B 128 31.18 -26.76 -12.74
CA ARG B 128 29.86 -27.35 -12.48
C ARG B 128 28.73 -26.34 -12.75
N LEU B 129 27.68 -26.79 -13.39
CA LEU B 129 26.50 -25.94 -13.55
C LEU B 129 25.51 -26.32 -12.46
N THR B 130 25.21 -25.42 -11.54
CA THR B 130 24.22 -25.72 -10.53
C THR B 130 22.91 -25.05 -10.87
N LEU B 131 21.86 -25.87 -10.96
CA LEU B 131 20.55 -25.40 -11.34
C LEU B 131 19.65 -25.47 -10.13
N VAL B 132 18.90 -24.39 -9.89
CA VAL B 132 17.93 -24.35 -8.80
C VAL B 132 16.51 -24.21 -9.31
N GLU B 133 15.64 -25.15 -8.98
CA GLU B 133 14.23 -25.05 -9.34
C GLU B 133 13.36 -24.68 -8.13
N GLY B 134 12.47 -23.70 -8.26
CA GLY B 134 11.60 -23.35 -7.12
C GLY B 134 10.31 -24.18 -7.09
N ALA B 135 9.29 -23.65 -6.43
CA ALA B 135 7.97 -24.22 -6.54
C ALA B 135 7.15 -23.14 -7.18
N GLY B 136 6.43 -23.49 -8.26
CA GLY B 136 5.67 -22.53 -9.05
C GLY B 136 6.45 -21.33 -9.59
N GLY B 137 5.82 -20.16 -9.57
CA GLY B 137 6.41 -18.94 -10.12
C GLY B 137 7.37 -18.23 -9.19
N LEU B 138 8.02 -17.17 -9.69
CA LEU B 138 9.11 -16.45 -9.02
C LEU B 138 8.81 -15.99 -7.59
N LEU B 139 7.58 -15.56 -7.32
CA LEU B 139 7.24 -14.89 -6.08
C LEU B 139 6.61 -15.81 -5.02
N VAL B 140 6.60 -17.12 -5.30
CA VAL B 140 6.12 -18.13 -4.34
C VAL B 140 7.07 -18.18 -3.12
N GLU B 141 6.50 -18.18 -1.92
CA GLU B 141 7.32 -18.31 -0.71
C GLU B 141 7.83 -19.75 -0.57
N LEU B 142 9.15 -19.86 -0.40
CA LEU B 142 9.90 -21.11 -0.38
C LEU B 142 10.54 -21.32 0.96
N ALA B 143 10.72 -20.21 1.68
CA ALA B 143 11.41 -20.21 2.96
C ALA B 143 10.83 -19.13 3.86
N GLU B 144 11.05 -19.30 5.15
CA GLU B 144 10.72 -18.26 6.10
C GLU B 144 11.93 -17.40 6.47
N PRO B 145 11.68 -16.11 6.74
CA PRO B 145 10.35 -15.50 6.75
C PRO B 145 10.00 -14.74 5.44
N GLY B 146 8.99 -15.22 4.72
CA GLY B 146 8.57 -14.62 3.46
C GLY B 146 9.62 -14.63 2.36
N VAL B 147 10.45 -15.68 2.30
CA VAL B 147 11.51 -15.70 1.31
C VAL B 147 11.06 -16.35 0.01
N THR B 148 11.57 -15.86 -1.12
CA THR B 148 11.20 -16.36 -2.43
C THR B 148 12.47 -16.79 -3.16
N LEU B 149 12.32 -17.49 -4.28
CA LEU B 149 13.41 -17.83 -5.19
C LEU B 149 14.21 -16.60 -5.66
N ARG B 150 13.54 -15.46 -5.70
CA ARG B 150 14.15 -14.18 -6.06
C ARG B 150 15.13 -13.66 -4.99
N ASP B 151 14.73 -13.78 -3.73
CA ASP B 151 15.56 -13.46 -2.58
C ASP B 151 16.78 -14.37 -2.56
N VAL B 152 16.54 -15.67 -2.67
CA VAL B 152 17.61 -16.66 -2.82
C VAL B 152 18.63 -16.33 -3.93
N ALA B 153 18.13 -15.95 -5.11
CA ALA B 153 19.00 -15.59 -6.23
C ALA B 153 19.85 -14.37 -5.90
N VAL B 154 19.26 -13.41 -5.20
CA VAL B 154 20.00 -12.24 -4.73
C VAL B 154 21.15 -12.70 -3.82
N ASP B 155 20.84 -13.54 -2.83
CA ASP B 155 21.84 -13.95 -1.85
C ASP B 155 23.04 -14.65 -2.49
N VAL B 156 22.79 -15.26 -3.63
CA VAL B 156 23.73 -16.18 -4.26
C VAL B 156 24.31 -15.60 -5.55
N ALA B 157 23.78 -14.45 -5.96
CA ALA B 157 24.19 -13.76 -7.18
C ALA B 157 23.99 -14.62 -8.40
N ALA B 158 22.81 -15.23 -8.50
CA ALA B 158 22.52 -16.12 -9.62
C ALA B 158 21.74 -15.32 -10.65
N ALA B 159 21.98 -15.57 -11.94
CA ALA B 159 21.01 -15.16 -12.94
C ALA B 159 19.82 -16.13 -12.87
N ALA B 160 18.70 -15.74 -13.48
CA ALA B 160 17.50 -16.57 -13.52
C ALA B 160 17.09 -16.92 -14.95
N LEU B 161 16.77 -18.19 -15.16
CA LEU B 161 16.21 -18.61 -16.43
C LEU B 161 14.69 -18.69 -16.27
N VAL B 162 13.96 -18.14 -17.23
CA VAL B 162 12.52 -18.05 -17.09
C VAL B 162 11.81 -18.97 -18.08
N VAL B 163 11.03 -19.87 -17.53
CA VAL B 163 10.30 -20.83 -18.34
C VAL B 163 8.92 -20.29 -18.60
N VAL B 164 8.51 -20.28 -19.87
CA VAL B 164 7.25 -19.67 -20.27
C VAL B 164 6.42 -20.64 -21.10
N THR B 165 5.09 -20.48 -21.10
CA THR B 165 4.27 -21.18 -22.09
C THR B 165 4.28 -20.45 -23.45
N ALA B 166 3.60 -21.05 -24.41
CA ALA B 166 3.51 -20.45 -25.75
C ALA B 166 2.07 -20.03 -25.95
N ASP B 167 1.27 -20.17 -24.90
CA ASP B 167 -0.16 -19.97 -24.95
C ASP B 167 -0.61 -18.55 -24.65
N LEU B 168 -1.83 -18.29 -25.07
CA LEU B 168 -2.46 -17.02 -24.75
C LEU B 168 -2.19 -16.70 -23.28
N GLY B 169 -1.64 -15.52 -23.03
CA GLY B 169 -1.49 -15.06 -21.67
C GLY B 169 -0.03 -15.04 -21.24
N THR B 170 0.86 -15.61 -22.07
CA THR B 170 2.26 -15.77 -21.71
C THR B 170 3.02 -14.46 -21.72
N LEU B 171 2.66 -13.60 -22.67
CA LEU B 171 3.28 -12.29 -22.76
C LEU B 171 3.09 -11.49 -21.46
N ASN B 172 1.87 -11.41 -20.97
CA ASN B 172 1.66 -10.71 -19.70
C ASN B 172 2.39 -11.37 -18.52
N HIS B 173 2.24 -12.69 -18.33
CA HIS B 173 2.91 -13.35 -17.19
C HIS B 173 4.42 -13.26 -17.30
N THR B 174 4.91 -13.34 -18.53
CA THR B 174 6.33 -13.24 -18.80
C THR B 174 6.87 -11.86 -18.49
N LYS B 175 6.19 -10.81 -18.98
CA LYS B 175 6.65 -9.41 -18.78
C LYS B 175 6.63 -9.05 -17.31
N LEU B 176 5.64 -9.60 -16.63
CA LEU B 176 5.37 -9.37 -15.23
C LEU B 176 6.47 -9.99 -14.35
N THR B 177 6.98 -11.15 -14.77
CA THR B 177 8.06 -11.87 -14.09
C THR B 177 9.41 -11.25 -14.35
N LEU B 178 9.63 -10.82 -15.60
CA LEU B 178 10.84 -10.08 -15.97
C LEU B 178 11.00 -8.78 -15.21
N GLU B 179 9.88 -8.09 -14.90
CA GLU B 179 9.91 -6.86 -14.10
C GLU B 179 10.26 -7.16 -12.67
N ALA B 180 9.76 -8.28 -12.17
CA ALA B 180 10.07 -8.65 -10.80
C ALA B 180 11.54 -9.02 -10.62
N LEU B 181 12.13 -9.68 -11.62
CA LEU B 181 13.59 -9.95 -11.61
C LEU B 181 14.34 -8.62 -11.53
N ALA B 182 14.00 -7.70 -12.44
CA ALA B 182 14.70 -6.43 -12.58
C ALA B 182 14.57 -5.53 -11.34
N ALA B 183 13.47 -5.69 -10.60
CA ALA B 183 13.23 -4.91 -9.40
C ALA B 183 14.23 -5.17 -8.30
N GLN B 184 14.87 -6.34 -8.33
CA GLN B 184 15.87 -6.70 -7.32
C GLN B 184 17.20 -6.98 -8.00
N GLN B 185 17.33 -6.45 -9.20
CA GLN B 185 18.53 -6.56 -9.98
C GLN B 185 19.06 -7.98 -10.17
N VAL B 186 18.13 -8.96 -10.23
CA VAL B 186 18.54 -10.29 -10.67
C VAL B 186 18.45 -10.38 -12.19
N SER B 187 19.56 -10.79 -12.80
CA SER B 187 19.64 -10.90 -14.24
C SER B 187 18.77 -11.99 -14.80
N CSX B 188 18.38 -11.81 -16.04
CA CSX B 188 17.56 -12.75 -16.72
CB CSX B 188 16.61 -11.93 -17.59
SG CSX B 188 15.53 -12.93 -18.62
C CSX B 188 18.57 -13.42 -17.57
O CSX B 188 19.34 -12.72 -18.22
OD CSX B 188 16.10 -12.23 -19.98
N ALA B 189 18.63 -14.76 -17.55
CA ALA B 189 19.52 -15.51 -18.46
C ALA B 189 18.83 -15.77 -19.82
N GLY B 190 17.51 -15.63 -19.80
CA GLY B 190 16.71 -15.71 -21.01
C GLY B 190 15.46 -16.50 -20.72
N LEU B 191 14.70 -16.77 -21.78
CA LEU B 191 13.48 -17.57 -21.67
C LEU B 191 13.68 -18.95 -22.27
N VAL B 192 12.88 -19.90 -21.81
CA VAL B 192 12.73 -21.17 -22.47
C VAL B 192 11.24 -21.48 -22.55
N ILE B 193 10.76 -21.78 -23.75
CA ILE B 193 9.40 -22.28 -23.89
C ILE B 193 9.38 -23.74 -23.52
N GLY B 194 8.71 -24.01 -22.40
CA GLY B 194 8.67 -25.33 -21.80
C GLY B 194 7.92 -26.40 -22.59
N SER B 195 6.98 -25.98 -23.43
CA SER B 195 6.21 -26.90 -24.28
C SER B 195 5.77 -26.20 -25.56
N TRP B 196 6.31 -26.67 -26.69
CA TRP B 196 6.04 -26.07 -27.98
C TRP B 196 5.11 -26.99 -28.75
N PRO B 197 3.93 -26.48 -29.11
CA PRO B 197 2.83 -27.22 -29.75
C PRO B 197 3.13 -27.78 -31.13
N ASP B 198 2.48 -28.87 -31.46
CA ASP B 198 2.49 -29.34 -32.85
C ASP B 198 1.09 -29.76 -33.31
N PRO B 199 0.62 -29.15 -34.42
CA PRO B 199 1.26 -28.00 -35.03
C PRO B 199 1.03 -26.80 -34.13
N PRO B 200 1.86 -25.74 -34.28
CA PRO B 200 1.76 -24.61 -33.37
C PRO B 200 0.35 -24.01 -33.22
N GLY B 201 -0.15 -23.37 -34.27
CA GLY B 201 -1.36 -22.57 -34.14
C GLY B 201 -0.99 -21.11 -34.28
N LEU B 202 -1.98 -20.24 -34.43
CA LEU B 202 -1.68 -18.85 -34.75
C LEU B 202 -1.09 -18.12 -33.55
N VAL B 203 -1.63 -18.44 -32.37
CA VAL B 203 -1.22 -17.84 -31.10
C VAL B 203 0.23 -18.15 -30.72
N ALA B 204 0.53 -19.44 -30.66
CA ALA B 204 1.87 -19.93 -30.34
C ALA B 204 2.98 -19.30 -31.23
N ALA B 205 2.76 -19.31 -32.55
CA ALA B 205 3.71 -18.75 -33.51
C ALA B 205 3.88 -17.23 -33.36
N SER B 206 2.79 -16.56 -33.04
CA SER B 206 2.80 -15.14 -32.77
C SER B 206 3.50 -14.84 -31.42
N ASN B 207 3.21 -15.66 -30.43
CA ASN B 207 3.82 -15.51 -29.10
C ASN B 207 5.30 -15.78 -29.15
N ARG B 208 5.68 -16.78 -29.92
CA ARG B 208 7.07 -17.08 -30.13
C ARG B 208 7.87 -15.92 -30.72
N SER B 209 7.29 -15.22 -31.69
CA SER B 209 7.93 -14.02 -32.25
C SER B 209 7.96 -12.88 -31.23
N ALA B 210 6.83 -12.68 -30.57
CA ALA B 210 6.70 -11.64 -29.55
C ALA B 210 7.60 -11.85 -28.33
N LEU B 211 7.72 -13.10 -27.87
CA LEU B 211 8.69 -13.45 -26.81
C LEU B 211 10.13 -13.13 -27.23
N ALA B 212 10.52 -13.50 -28.44
CA ALA B 212 11.84 -13.19 -29.01
C ALA B 212 12.15 -11.67 -29.11
N ARG B 213 11.11 -10.84 -29.12
CA ARG B 213 11.30 -9.39 -29.12
C ARG B 213 11.61 -8.84 -27.72
N ILE B 214 11.16 -9.49 -26.67
CA ILE B 214 11.45 -9.00 -25.33
C ILE B 214 12.62 -9.69 -24.66
N ALA B 215 12.92 -10.92 -25.04
CA ALA B 215 14.06 -11.64 -24.44
C ALA B 215 14.66 -12.70 -25.34
N MET B 216 15.87 -13.14 -25.03
CA MET B 216 16.50 -14.18 -25.82
C MET B 216 15.87 -15.53 -25.42
N VAL B 217 15.34 -16.22 -26.43
CA VAL B 217 14.72 -17.54 -26.29
C VAL B 217 15.78 -18.63 -26.47
N ARG B 218 16.18 -19.24 -25.35
CA ARG B 218 17.30 -20.16 -25.31
C ARG B 218 16.95 -21.49 -25.92
N ALA B 219 15.66 -21.80 -25.90
CA ALA B 219 15.15 -23.06 -26.36
C ALA B 219 13.63 -23.02 -26.34
N ALA B 220 13.01 -23.84 -27.19
CA ALA B 220 11.60 -24.14 -27.16
C ALA B 220 11.52 -25.65 -27.22
N LEU B 221 11.18 -26.25 -26.08
CA LEU B 221 11.12 -27.69 -25.92
C LEU B 221 9.86 -28.26 -26.52
N PRO B 222 9.99 -29.31 -27.33
CA PRO B 222 8.85 -29.86 -28.02
C PRO B 222 7.85 -30.41 -27.04
N ALA B 223 6.57 -30.20 -27.31
CA ALA B 223 5.52 -30.78 -26.47
C ALA B 223 5.62 -32.31 -26.40
N GLY B 224 5.50 -32.83 -25.18
CA GLY B 224 5.59 -34.27 -24.92
C GLY B 224 6.99 -34.74 -24.60
N ALA B 225 7.96 -33.83 -24.59
CA ALA B 225 9.37 -34.16 -24.27
C ALA B 225 9.52 -34.89 -22.95
N ALA B 226 8.61 -34.60 -22.00
CA ALA B 226 8.71 -35.17 -20.65
C ALA B 226 8.55 -36.71 -20.59
N SER B 227 7.92 -37.29 -21.61
CA SER B 227 7.62 -38.73 -21.68
C SER B 227 8.68 -39.52 -22.43
N LEU B 228 9.67 -38.80 -22.97
CA LEU B 228 10.75 -39.42 -23.75
C LEU B 228 11.60 -40.30 -22.86
N ASP B 229 12.25 -41.29 -23.46
CA ASP B 229 13.20 -42.07 -22.71
C ASP B 229 14.50 -41.27 -22.62
N ALA B 230 15.38 -41.68 -21.73
CA ALA B 230 16.62 -40.96 -21.50
C ALA B 230 17.45 -40.70 -22.77
N GLY B 231 17.50 -41.69 -23.67
CA GLY B 231 18.31 -41.60 -24.90
C GLY B 231 17.69 -40.63 -25.87
N ASP B 232 16.36 -40.71 -26.00
CA ASP B 232 15.58 -39.78 -26.80
C ASP B 232 15.61 -38.38 -26.25
N PHE B 233 15.56 -38.28 -24.92
CA PHE B 233 15.63 -37.00 -24.23
C PHE B 233 16.97 -36.31 -24.47
N ALA B 234 18.04 -37.10 -24.42
CA ALA B 234 19.39 -36.56 -24.59
C ALA B 234 19.58 -35.92 -25.96
N ALA B 235 19.07 -36.57 -26.99
CA ALA B 235 19.19 -36.13 -28.38
C ALA B 235 18.37 -34.85 -28.66
N MET B 236 17.15 -34.84 -28.13
CA MET B 236 16.31 -33.66 -28.14
C MET B 236 17.05 -32.51 -27.43
N SER B 237 17.59 -32.76 -26.24
CA SER B 237 18.23 -31.71 -25.44
C SER B 237 19.51 -31.16 -26.09
N ALA B 238 20.30 -32.03 -26.72
CA ALA B 238 21.51 -31.58 -27.44
C ALA B 238 21.12 -30.64 -28.57
N ALA B 239 19.96 -30.91 -29.17
CA ALA B 239 19.46 -30.13 -30.29
C ALA B 239 18.72 -28.86 -29.87
N ALA B 240 18.18 -28.84 -28.66
CA ALA B 240 17.37 -27.70 -28.23
C ALA B 240 18.14 -26.45 -27.86
N PHE B 241 19.36 -26.58 -27.36
CA PHE B 241 20.14 -25.43 -26.94
C PHE B 241 21.31 -25.19 -27.86
N ASP B 242 21.80 -23.96 -27.85
CA ASP B 242 23.08 -23.65 -28.43
C ASP B 242 24.18 -24.03 -27.44
N ARG B 243 25.01 -24.99 -27.86
CA ARG B 243 26.14 -25.51 -27.09
C ARG B 243 27.08 -24.39 -26.62
N ASN B 244 27.31 -23.40 -27.46
CA ASN B 244 28.10 -22.24 -27.07
C ASN B 244 27.53 -21.47 -25.87
N TRP B 245 26.22 -21.23 -25.88
CA TRP B 245 25.58 -20.58 -24.74
C TRP B 245 25.67 -21.45 -23.50
N VAL B 246 25.39 -22.74 -23.63
CA VAL B 246 25.52 -23.71 -22.53
C VAL B 246 26.95 -23.79 -21.96
N ALA B 247 27.91 -24.10 -22.83
CA ALA B 247 29.35 -24.02 -22.50
C ALA B 247 29.73 -22.71 -21.80
N GLY B 248 29.23 -21.58 -22.31
CA GLY B 248 29.52 -20.28 -21.71
C GLY B 248 29.01 -20.09 -20.30
N LEU B 249 27.92 -20.77 -19.95
CA LEU B 249 27.35 -20.67 -18.60
C LEU B 249 28.37 -21.04 -17.52
N VAL B 250 29.49 -21.62 -17.96
CA VAL B 250 30.48 -22.18 -17.06
C VAL B 250 31.94 -21.83 -17.44
N SER C 24 -10.43 -15.15 12.93
CA SER C 24 -9.55 -15.53 14.09
C SER C 24 -10.39 -15.90 15.33
N HIS C 25 -9.77 -16.66 16.24
CA HIS C 25 -10.42 -17.06 17.49
C HIS C 25 -10.11 -16.05 18.61
N MET C 26 -8.91 -15.47 18.55
CA MET C 26 -8.47 -14.38 19.41
C MET C 26 -9.33 -13.13 19.29
N THR C 27 -9.30 -12.30 20.31
CA THR C 27 -9.55 -10.88 20.07
C THR C 27 -8.21 -10.13 19.92
N ILE C 28 -8.16 -9.26 18.92
CA ILE C 28 -6.99 -8.50 18.60
C ILE C 28 -7.29 -7.01 18.69
N LEU C 29 -6.48 -6.32 19.47
CA LEU C 29 -6.49 -4.89 19.58
C LEU C 29 -5.20 -4.33 19.03
N VAL C 30 -5.30 -3.45 18.04
CA VAL C 30 -4.12 -2.70 17.67
C VAL C 30 -4.00 -1.45 18.54
N VAL C 31 -2.79 -1.18 19.01
CA VAL C 31 -2.55 -0.02 19.87
C VAL C 31 -1.77 0.98 19.05
N THR C 32 -2.45 2.05 18.66
CA THR C 32 -1.81 3.09 17.88
C THR C 32 -1.63 4.35 18.74
N GLY C 33 -1.19 5.45 18.11
CA GLY C 33 -0.98 6.70 18.82
C GLY C 33 -1.01 7.89 17.89
N THR C 34 -0.90 9.08 18.47
CA THR C 34 -0.86 10.31 17.68
C THR C 34 0.56 10.58 17.15
N GLY C 35 1.48 9.68 17.47
CA GLY C 35 2.84 9.79 16.99
C GLY C 35 3.75 8.82 17.70
N THR C 36 5.06 9.04 17.61
CA THR C 36 6.01 8.26 18.39
C THR C 36 6.20 8.99 19.73
N GLY C 37 6.55 8.24 20.77
CA GLY C 37 6.81 8.82 22.09
C GLY C 37 5.59 9.26 22.86
N VAL C 38 4.43 8.69 22.56
CA VAL C 38 3.21 9.06 23.28
C VAL C 38 2.82 8.11 24.38
N GLY C 39 3.43 6.93 24.44
CA GLY C 39 3.13 5.98 25.48
C GLY C 39 2.49 4.69 25.00
N LYS C 40 2.55 4.40 23.69
CA LYS C 40 1.94 3.19 23.15
C LYS C 40 2.45 1.96 23.89
N THR C 41 3.78 1.89 24.07
CA THR C 41 4.46 0.74 24.69
C THR C 41 4.08 0.54 26.15
N VAL C 42 4.11 1.62 26.92
CA VAL C 42 3.74 1.51 28.32
C VAL C 42 2.24 1.27 28.54
N VAL C 43 1.40 1.73 27.62
CA VAL C 43 -0.04 1.39 27.61
C VAL C 43 -0.30 -0.11 27.27
N CYS C 44 0.50 -0.65 26.35
CA CYS C 44 0.45 -2.09 26.10
C CYS C 44 0.83 -2.82 27.36
N ALA C 45 1.92 -2.39 27.97
CA ALA C 45 2.38 -3.00 29.20
C ALA C 45 1.25 -2.96 30.22
N ALA C 46 0.66 -1.78 30.41
CA ALA C 46 -0.36 -1.56 31.45
C ALA C 46 -1.63 -2.34 31.24
N LEU C 47 -2.08 -2.38 29.99
CA LEU C 47 -3.27 -3.15 29.66
C LEU C 47 -2.99 -4.63 29.75
N ALA C 48 -1.78 -5.04 29.35
CA ALA C 48 -1.39 -6.44 29.46
C ALA C 48 -1.40 -6.86 30.95
N SER C 49 -0.83 -6.03 31.82
CA SER C 49 -0.88 -6.31 33.24
C SER C 49 -2.30 -6.33 33.83
N ALA C 50 -3.18 -5.42 33.37
CA ALA C 50 -4.58 -5.43 33.82
C ALA C 50 -5.36 -6.65 33.28
N ALA C 51 -5.15 -7.00 32.00
CA ALA C 51 -5.76 -8.18 31.42
C ALA C 51 -5.33 -9.47 32.14
N ARG C 52 -4.03 -9.67 32.34
CA ARG C 52 -3.50 -10.78 33.16
C ARG C 52 -4.16 -10.90 34.54
N GLN C 53 -4.26 -9.78 35.26
CA GLN C 53 -4.87 -9.78 36.58
C GLN C 53 -6.37 -10.14 36.56
N ALA C 54 -6.98 -10.04 35.39
CA ALA C 54 -8.36 -10.42 35.20
C ALA C 54 -8.49 -11.87 34.72
N GLY C 55 -7.39 -12.61 34.75
CA GLY C 55 -7.39 -13.99 34.26
C GLY C 55 -7.34 -14.17 32.75
N ILE C 56 -6.94 -13.12 32.01
CA ILE C 56 -6.85 -13.21 30.55
C ILE C 56 -5.46 -13.60 30.08
N ASP C 57 -5.42 -14.52 29.12
CA ASP C 57 -4.17 -14.87 28.44
C ASP C 57 -3.87 -13.77 27.42
N VAL C 58 -2.76 -13.08 27.64
CA VAL C 58 -2.34 -11.96 26.82
C VAL C 58 -1.09 -12.26 25.95
N ALA C 59 -1.11 -11.85 24.69
CA ALA C 59 0.13 -11.81 23.93
C ALA C 59 0.34 -10.37 23.47
N VAL C 60 1.59 -9.95 23.32
CA VAL C 60 1.87 -8.63 22.77
C VAL C 60 2.78 -8.79 21.56
N CYS C 61 2.48 -8.03 20.51
CA CYS C 61 3.16 -8.14 19.23
C CYS C 61 3.67 -6.79 18.73
N LYS C 62 4.88 -6.78 18.19
CA LYS C 62 5.51 -5.59 17.67
C LYS C 62 6.13 -5.92 16.30
N PRO C 63 5.34 -5.78 15.22
CA PRO C 63 5.71 -6.21 13.85
C PRO C 63 6.92 -5.50 13.29
N VAL C 64 7.04 -4.21 13.61
CA VAL C 64 8.11 -3.35 13.13
C VAL C 64 8.64 -2.54 14.28
N GLN C 65 9.91 -2.78 14.58
CA GLN C 65 10.63 -2.08 15.64
C GLN C 65 11.81 -1.30 15.08
N THR C 66 11.84 -0.01 15.36
CA THR C 66 13.01 0.79 15.00
C THR C 66 13.70 1.23 16.28
N GLY C 67 14.82 1.91 16.11
CA GLY C 67 15.49 2.58 17.21
C GLY C 67 16.36 1.71 18.08
N THR C 68 16.71 0.51 17.60
CA THR C 68 17.56 -0.37 18.41
C THR C 68 18.91 0.29 18.74
N ALA C 69 19.42 1.14 17.84
CA ALA C 69 20.69 1.86 18.07
C ALA C 69 20.65 2.75 19.32
N ARG C 70 19.46 3.20 19.66
CA ARG C 70 19.24 4.04 20.83
C ARG C 70 18.96 3.22 22.08
N GLY C 71 18.65 1.94 21.90
CA GLY C 71 18.39 1.03 23.01
C GLY C 71 16.97 0.49 23.06
N ASP C 72 16.16 0.86 22.08
CA ASP C 72 14.73 0.53 22.06
C ASP C 72 14.44 -0.94 21.86
N ASP C 73 13.64 -1.52 22.74
CA ASP C 73 13.01 -2.81 22.47
C ASP C 73 11.67 -2.78 23.22
N ASP C 74 10.62 -2.47 22.48
CA ASP C 74 9.30 -2.31 23.07
C ASP C 74 8.79 -3.65 23.57
N LEU C 75 8.96 -4.71 22.80
CA LEU C 75 8.63 -6.04 23.28
C LEU C 75 9.37 -6.28 24.61
N ALA C 76 10.69 -6.07 24.63
CA ALA C 76 11.47 -6.33 25.83
C ALA C 76 10.97 -5.52 27.01
N GLU C 77 10.60 -4.26 26.75
CA GLU C 77 10.09 -3.37 27.81
C GLU C 77 8.74 -3.85 28.40
N VAL C 78 7.87 -4.40 27.55
CA VAL C 78 6.60 -4.96 28.01
C VAL C 78 6.75 -6.16 28.96
N GLY C 79 7.77 -6.99 28.71
CA GLY C 79 8.02 -8.17 29.51
C GLY C 79 8.53 -7.77 30.87
N ARG C 80 9.38 -6.76 30.86
CA ARG C 80 10.01 -6.19 32.05
C ARG C 80 8.98 -5.55 32.99
N LEU C 81 8.01 -4.83 32.41
CA LEU C 81 6.98 -4.11 33.19
C LEU C 81 5.80 -4.98 33.60
N ALA C 82 5.31 -5.79 32.66
CA ALA C 82 4.05 -6.54 32.80
C ALA C 82 4.21 -8.04 33.11
N GLY C 83 5.36 -8.56 32.67
CA GLY C 83 5.74 -9.95 32.88
C GLY C 83 5.26 -10.89 31.79
N VAL C 84 4.93 -10.36 30.60
CA VAL C 84 4.41 -11.24 29.56
C VAL C 84 5.54 -11.94 28.79
N THR C 85 5.31 -13.18 28.39
CA THR C 85 6.37 -13.96 27.77
C THR C 85 6.00 -14.32 26.35
N GLN C 86 4.71 -14.25 26.01
CA GLN C 86 4.33 -14.34 24.61
C GLN C 86 4.44 -12.97 23.92
N LEU C 87 5.65 -12.71 23.46
CA LEU C 87 5.98 -11.49 22.81
C LEU C 87 6.36 -11.94 21.42
N ALA C 88 5.85 -11.26 20.40
CA ALA C 88 6.17 -11.65 19.02
C ALA C 88 6.61 -10.45 18.22
N GLY C 89 7.82 -10.55 17.68
CA GLY C 89 8.40 -9.50 16.88
C GLY C 89 8.70 -9.99 15.48
N LEU C 90 9.04 -9.09 14.57
CA LEU C 90 9.37 -9.48 13.19
C LEU C 90 10.56 -8.68 12.67
N ALA C 91 10.28 -7.46 12.22
CA ALA C 91 11.33 -6.58 11.68
C ALA C 91 11.93 -5.69 12.78
N ARG C 92 13.24 -5.54 12.75
CA ARG C 92 13.94 -4.73 13.74
C ARG C 92 15.01 -3.90 13.02
N TYR C 93 14.97 -2.58 13.20
CA TYR C 93 15.95 -1.71 12.53
C TYR C 93 16.68 -0.87 13.56
N PRO C 94 17.97 -0.54 13.29
CA PRO C 94 18.77 0.26 14.23
C PRO C 94 18.32 1.73 14.44
N GLN C 95 18.22 2.48 13.36
CA GLN C 95 17.99 3.90 13.48
C GLN C 95 16.54 4.25 13.93
N PRO C 96 16.40 5.24 14.82
CA PRO C 96 15.08 5.70 15.25
C PRO C 96 14.46 6.65 14.23
N MET C 97 14.23 6.13 13.03
CA MET C 97 13.55 6.83 11.97
C MET C 97 12.25 6.07 11.67
N ALA C 98 11.39 6.66 10.84
CA ALA C 98 10.26 5.93 10.32
C ALA C 98 10.76 4.60 9.69
N PRO C 99 10.00 3.51 9.89
CA PRO C 99 10.40 2.21 9.37
C PRO C 99 11.04 2.18 7.98
N ALA C 100 10.49 2.91 7.00
CA ALA C 100 10.98 2.81 5.62
C ALA C 100 12.39 3.35 5.50
N ALA C 101 12.63 4.44 6.23
CA ALA C 101 13.93 5.14 6.24
C ALA C 101 14.98 4.38 7.07
N ALA C 102 14.54 3.88 8.21
CA ALA C 102 15.30 2.99 9.06
C ALA C 102 15.80 1.74 8.31
N ALA C 103 14.91 1.11 7.55
CA ALA C 103 15.24 -0.07 6.76
C ALA C 103 16.19 0.27 5.62
N GLU C 104 15.97 1.43 4.99
CA GLU C 104 16.81 1.91 3.91
C GLU C 104 18.23 2.19 4.38
N HIS C 105 18.35 2.80 5.55
CA HIS C 105 19.62 3.13 6.12
C HIS C 105 20.41 1.86 6.45
N ALA C 106 19.68 0.81 6.84
CA ALA C 106 20.31 -0.48 7.18
C ALA C 106 20.56 -1.39 5.97
N GLY C 107 20.12 -0.98 4.78
CA GLY C 107 20.21 -1.83 3.59
C GLY C 107 19.18 -2.96 3.56
N MET C 108 18.10 -2.81 4.31
CA MET C 108 17.15 -3.89 4.49
C MET C 108 15.81 -3.56 3.86
N ALA C 109 14.96 -4.57 3.73
CA ALA C 109 13.57 -4.40 3.35
C ALA C 109 12.63 -4.21 4.54
N LEU C 110 11.51 -3.56 4.26
CA LEU C 110 10.33 -3.63 5.09
C LEU C 110 9.73 -5.03 4.94
N PRO C 111 9.02 -5.50 5.99
CA PRO C 111 8.34 -6.79 5.90
C PRO C 111 7.22 -6.76 4.87
N ALA C 112 6.86 -7.91 4.32
CA ALA C 112 5.70 -8.05 3.47
C ALA C 112 4.43 -7.90 4.33
N ARG C 113 3.35 -7.43 3.72
CA ARG C 113 2.06 -7.33 4.40
C ARG C 113 1.61 -8.65 5.02
N ASP C 114 1.59 -9.71 4.20
CA ASP C 114 1.06 -11.02 4.64
C ASP C 114 1.87 -11.63 5.79
N GLN C 115 3.10 -11.13 5.94
CA GLN C 115 4.03 -11.41 7.04
C GLN C 115 3.58 -10.90 8.40
N ILE C 116 3.24 -9.62 8.42
CA ILE C 116 2.69 -8.97 9.61
C ILE C 116 1.41 -9.68 10.04
N VAL C 117 0.54 -9.94 9.07
CA VAL C 117 -0.73 -10.61 9.28
C VAL C 117 -0.51 -12.04 9.77
N ARG C 118 0.49 -12.72 9.20
CA ARG C 118 0.87 -14.07 9.66
C ARG C 118 1.37 -14.08 11.10
N LEU C 119 2.27 -13.12 11.40
CA LEU C 119 2.83 -12.95 12.73
C LEU C 119 1.69 -12.88 13.74
N ILE C 120 0.72 -12.03 13.42
CA ILE C 120 -0.45 -11.88 14.27
C ILE C 120 -1.36 -13.11 14.31
N ALA C 121 -1.69 -13.69 13.16
CA ALA C 121 -2.56 -14.87 13.13
C ALA C 121 -1.98 -16.02 13.97
N ASP C 122 -0.67 -16.23 13.88
CA ASP C 122 0.03 -17.33 14.52
C ASP C 122 0.01 -17.25 16.03
N LEU C 123 -0.36 -16.09 16.54
CA LEU C 123 -0.55 -15.95 17.94
C LEU C 123 -1.95 -16.44 18.32
N ASP C 124 -2.69 -16.93 17.32
CA ASP C 124 -4.13 -17.23 17.50
C ASP C 124 -4.42 -18.35 18.47
N ARG C 125 -5.21 -18.02 19.47
CA ARG C 125 -5.71 -18.98 20.43
C ARG C 125 -7.08 -18.50 20.89
N PRO C 126 -8.04 -19.43 20.94
CA PRO C 126 -9.30 -19.17 21.64
C PRO C 126 -9.00 -18.60 23.03
N GLY C 127 -9.70 -17.53 23.39
CA GLY C 127 -9.61 -16.95 24.73
C GLY C 127 -8.57 -15.86 24.91
N ARG C 128 -7.73 -15.68 23.89
CA ARG C 128 -6.54 -14.83 24.01
C ARG C 128 -6.79 -13.35 23.69
N LEU C 129 -6.15 -12.45 24.44
CA LEU C 129 -6.06 -11.04 24.05
C LEU C 129 -4.70 -10.80 23.41
N THR C 130 -4.69 -10.44 22.14
CA THR C 130 -3.47 -10.04 21.46
C THR C 130 -3.41 -8.52 21.23
N LEU C 131 -2.34 -7.91 21.74
CA LEU C 131 -2.09 -6.48 21.55
C LEU C 131 -1.03 -6.31 20.48
N VAL C 132 -1.28 -5.45 19.50
CA VAL C 132 -0.34 -5.20 18.42
C VAL C 132 0.04 -3.74 18.41
N GLU C 133 1.28 -3.41 18.75
CA GLU C 133 1.73 -2.01 18.75
C GLU C 133 2.19 -1.56 17.38
N GLY C 134 1.70 -0.40 16.93
CA GLY C 134 2.22 0.19 15.70
C GLY C 134 3.59 0.82 15.95
N ALA C 135 4.21 1.26 14.87
CA ALA C 135 5.41 2.07 14.95
C ALA C 135 4.94 3.48 14.65
N GLY C 136 5.18 4.42 15.56
CA GLY C 136 4.69 5.79 15.40
C GLY C 136 3.15 5.88 15.42
N GLY C 137 2.61 6.73 14.54
CA GLY C 137 1.17 6.92 14.47
C GLY C 137 0.54 6.06 13.40
N LEU C 138 -0.77 6.23 13.25
CA LEU C 138 -1.61 5.31 12.53
C LEU C 138 -1.17 5.13 11.08
N LEU C 139 -0.82 6.20 10.40
CA LEU C 139 -0.57 6.10 8.96
C LEU C 139 0.89 5.93 8.59
N VAL C 140 1.69 5.53 9.56
CA VAL C 140 3.08 5.13 9.31
C VAL C 140 3.15 3.85 8.47
N GLU C 141 4.00 3.86 7.45
CA GLU C 141 4.11 2.73 6.53
C GLU C 141 4.93 1.65 7.22
N LEU C 142 4.36 0.46 7.30
CA LEU C 142 4.92 -0.69 7.96
C LEU C 142 5.37 -1.71 6.93
N ALA C 143 4.70 -1.70 5.78
CA ALA C 143 4.96 -2.64 4.68
C ALA C 143 4.73 -1.91 3.37
N GLU C 144 5.38 -2.37 2.30
CA GLU C 144 5.26 -1.76 0.98
C GLU C 144 3.98 -2.28 0.28
N PRO C 145 3.24 -1.40 -0.42
CA PRO C 145 3.38 0.04 -0.64
C PRO C 145 2.41 0.87 0.20
N GLY C 146 2.92 1.54 1.23
CA GLY C 146 2.07 2.34 2.09
C GLY C 146 1.03 1.54 2.88
N VAL C 147 1.37 0.30 3.23
CA VAL C 147 0.56 -0.49 4.16
C VAL C 147 0.79 0.03 5.59
N THR C 148 -0.29 0.29 6.30
CA THR C 148 -0.23 0.88 7.62
C THR C 148 -0.92 0.00 8.67
N LEU C 149 -0.77 0.35 9.95
CA LEU C 149 -1.47 -0.33 11.04
C LEU C 149 -2.97 -0.32 10.84
N ARG C 150 -3.47 0.70 10.15
CA ARG C 150 -4.91 0.75 9.79
C ARG C 150 -5.31 -0.39 8.82
N ASP C 151 -4.51 -0.62 7.78
CA ASP C 151 -4.74 -1.68 6.81
C ASP C 151 -4.64 -3.06 7.44
N VAL C 152 -3.66 -3.24 8.34
CA VAL C 152 -3.52 -4.48 9.08
C VAL C 152 -4.67 -4.76 10.03
N ALA C 153 -5.21 -3.71 10.64
CA ALA C 153 -6.33 -3.83 11.57
C ALA C 153 -7.56 -4.43 10.87
N VAL C 154 -7.79 -3.98 9.64
CA VAL C 154 -8.87 -4.52 8.80
C VAL C 154 -8.57 -5.98 8.42
N ASP C 155 -7.31 -6.25 8.04
CA ASP C 155 -6.88 -7.60 7.70
C ASP C 155 -7.22 -8.60 8.79
N VAL C 156 -7.05 -8.22 10.06
CA VAL C 156 -7.24 -9.15 11.18
C VAL C 156 -8.47 -8.85 12.03
N ALA C 157 -9.38 -8.04 11.50
CA ALA C 157 -10.57 -7.68 12.27
C ALA C 157 -10.24 -7.16 13.66
N ALA C 158 -9.26 -6.26 13.76
CA ALA C 158 -8.92 -5.68 15.06
C ALA C 158 -9.58 -4.33 15.28
N ALA C 159 -10.03 -4.09 16.52
CA ALA C 159 -10.38 -2.74 16.98
C ALA C 159 -9.08 -2.00 17.32
N ALA C 160 -9.16 -0.67 17.46
CA ALA C 160 -7.97 0.15 17.68
C ALA C 160 -8.07 0.93 18.97
N LEU C 161 -6.99 0.91 19.77
CA LEU C 161 -6.88 1.70 20.98
C LEU C 161 -5.97 2.88 20.68
N VAL C 162 -6.41 4.10 20.96
CA VAL C 162 -5.61 5.26 20.56
C VAL C 162 -4.94 5.91 21.76
N VAL C 163 -3.61 5.92 21.76
CA VAL C 163 -2.80 6.53 22.82
C VAL C 163 -2.44 7.97 22.45
N VAL C 164 -2.68 8.88 23.38
CA VAL C 164 -2.61 10.32 23.14
C VAL C 164 -1.82 11.00 24.26
N THR C 165 -1.28 12.19 24.00
CA THR C 165 -0.75 13.06 25.04
C THR C 165 -1.85 13.95 25.60
N ALA C 166 -1.57 14.57 26.75
CA ALA C 166 -2.47 15.62 27.29
C ALA C 166 -1.95 17.02 26.94
N ASP C 167 -0.95 17.06 26.05
CA ASP C 167 -0.29 18.30 25.65
C ASP C 167 -1.00 19.05 24.55
N LEU C 168 -0.61 20.30 24.40
CA LEU C 168 -1.00 21.17 23.30
C LEU C 168 -0.80 20.49 21.94
N GLY C 169 -1.89 20.43 21.17
CA GLY C 169 -1.89 19.81 19.83
C GLY C 169 -2.57 18.45 19.84
N THR C 170 -2.93 17.96 21.01
CA THR C 170 -3.50 16.62 21.12
C THR C 170 -4.86 16.51 20.48
N LEU C 171 -5.70 17.52 20.65
CA LEU C 171 -7.07 17.49 20.11
C LEU C 171 -7.09 17.33 18.58
N ASN C 172 -6.27 18.11 17.88
CA ASN C 172 -6.11 17.94 16.44
C ASN C 172 -5.60 16.54 16.09
N HIS C 173 -4.49 16.14 16.71
CA HIS C 173 -3.90 14.87 16.34
C HIS C 173 -4.85 13.67 16.60
N THR C 174 -5.63 13.68 17.67
CA THR C 174 -6.53 12.56 17.91
C THR C 174 -7.79 12.55 17.06
N LYS C 175 -8.39 13.71 16.81
CA LYS C 175 -9.50 13.80 15.89
C LYS C 175 -9.10 13.36 14.50
N LEU C 176 -7.89 13.73 14.09
CA LEU C 176 -7.35 13.31 12.77
C LEU C 176 -7.26 11.80 12.68
N THR C 177 -6.75 11.21 13.75
CA THR C 177 -6.58 9.76 13.89
C THR C 177 -7.93 9.05 13.96
N LEU C 178 -8.81 9.55 14.83
CA LEU C 178 -10.17 9.03 14.98
C LEU C 178 -10.93 8.98 13.68
N GLU C 179 -10.77 10.01 12.87
CA GLU C 179 -11.49 10.03 11.62
C GLU C 179 -10.84 9.13 10.55
N ALA C 180 -9.53 8.88 10.65
CA ALA C 180 -8.89 7.94 9.73
C ALA C 180 -9.33 6.52 10.04
N LEU C 181 -9.55 6.20 11.31
CA LEU C 181 -10.11 4.89 11.69
C LEU C 181 -11.53 4.71 11.15
N ALA C 182 -12.44 5.64 11.44
CA ALA C 182 -13.81 5.60 10.96
C ALA C 182 -13.86 5.47 9.43
N ALA C 183 -12.90 6.06 8.73
CA ALA C 183 -12.91 6.04 7.28
C ALA C 183 -12.72 4.65 6.70
N GLN C 184 -12.25 3.72 7.54
CA GLN C 184 -12.03 2.33 7.12
C GLN C 184 -12.83 1.38 7.97
N GLN C 185 -13.84 1.91 8.64
CA GLN C 185 -14.66 1.20 9.61
C GLN C 185 -13.86 0.34 10.60
N VAL C 186 -12.71 0.87 11.05
CA VAL C 186 -11.99 0.27 12.16
C VAL C 186 -12.62 0.75 13.46
N SER C 187 -13.16 -0.18 14.23
CA SER C 187 -13.77 0.16 15.50
C SER C 187 -12.73 0.76 16.47
N CSX C 188 -13.11 1.83 17.15
CA CSX C 188 -12.28 2.48 18.17
CB CSX C 188 -12.52 3.99 18.08
SG CSX C 188 -11.43 4.84 19.26
C CSX C 188 -12.61 1.96 19.55
O CSX C 188 -13.73 2.16 20.05
OD CSX C 188 -12.73 5.54 20.01
N ALA C 189 -11.65 1.30 20.20
CA ALA C 189 -11.87 0.76 21.55
C ALA C 189 -11.73 1.80 22.67
N GLY C 190 -11.25 2.99 22.32
CA GLY C 190 -11.11 4.07 23.29
C GLY C 190 -9.79 4.77 23.17
N LEU C 191 -9.64 5.84 23.96
CA LEU C 191 -8.38 6.58 24.13
C LEU C 191 -7.70 6.18 25.42
N VAL C 192 -6.38 6.29 25.43
CA VAL C 192 -5.62 6.26 26.67
C VAL C 192 -4.61 7.40 26.64
N ILE C 193 -4.53 8.19 27.72
CA ILE C 193 -3.49 9.20 27.83
C ILE C 193 -2.20 8.52 28.34
N GLY C 194 -1.13 8.60 27.55
CA GLY C 194 0.09 7.85 27.86
C GLY C 194 0.87 8.33 29.06
N SER C 195 0.75 9.63 29.36
CA SER C 195 1.38 10.25 30.53
C SER C 195 0.48 11.36 31.08
N TRP C 196 -0.04 11.15 32.29
CA TRP C 196 -0.84 12.13 33.00
C TRP C 196 -0.03 12.76 34.15
N PRO C 197 0.10 14.11 34.16
CA PRO C 197 0.81 14.76 35.26
C PRO C 197 -0.09 14.89 36.49
N ASP C 198 0.38 14.38 37.63
CA ASP C 198 -0.27 14.60 38.91
C ASP C 198 0.27 16.00 39.26
N PRO C 199 -0.63 16.87 39.78
CA PRO C 199 -0.92 18.22 39.36
C PRO C 199 -0.82 18.58 37.87
N PRO C 200 -1.96 18.42 37.17
CA PRO C 200 -2.20 18.79 35.78
C PRO C 200 -2.40 20.29 35.66
N GLY C 201 -1.58 20.92 34.82
CA GLY C 201 -1.75 22.32 34.49
C GLY C 201 -3.11 22.61 33.87
N LEU C 202 -3.29 23.83 33.38
CA LEU C 202 -4.57 24.24 32.83
C LEU C 202 -4.84 23.57 31.47
N VAL C 203 -3.82 23.58 30.61
CA VAL C 203 -3.93 22.93 29.30
C VAL C 203 -4.20 21.44 29.44
N ALA C 204 -3.34 20.73 30.16
CA ALA C 204 -3.53 19.31 30.40
C ALA C 204 -4.96 18.97 30.87
N ALA C 205 -5.44 19.64 31.92
CA ALA C 205 -6.83 19.41 32.42
C ALA C 205 -7.90 19.72 31.38
N SER C 206 -7.75 20.87 30.71
CA SER C 206 -8.63 21.23 29.61
C SER C 206 -8.60 20.17 28.52
N ASN C 207 -7.40 19.74 28.14
CA ASN C 207 -7.29 18.72 27.09
C ASN C 207 -8.01 17.42 27.46
N ARG C 208 -7.85 16.94 28.70
CA ARG C 208 -8.57 15.73 29.14
C ARG C 208 -10.10 15.83 29.07
N SER C 209 -10.65 16.97 29.47
CA SER C 209 -12.10 17.16 29.43
C SER C 209 -12.57 17.16 27.99
N ALA C 210 -11.76 17.72 27.10
CA ALA C 210 -12.12 17.77 25.68
C ALA C 210 -11.99 16.41 25.00
N LEU C 211 -10.99 15.63 25.37
CA LEU C 211 -10.83 14.27 24.86
C LEU C 211 -11.99 13.37 25.30
N ALA C 212 -12.39 13.48 26.58
CA ALA C 212 -13.53 12.69 27.07
C ALA C 212 -14.87 13.02 26.40
N ARG C 213 -14.97 14.22 25.83
CA ARG C 213 -16.14 14.60 25.02
C ARG C 213 -16.20 13.90 23.64
N ILE C 214 -15.04 13.70 23.01
CA ILE C 214 -15.02 13.11 21.67
C ILE C 214 -14.90 11.58 21.65
N ALA C 215 -14.54 11.00 22.79
CA ALA C 215 -14.42 9.54 22.93
C ALA C 215 -14.24 9.15 24.37
N MET C 216 -14.37 7.85 24.65
CA MET C 216 -14.08 7.30 25.97
C MET C 216 -12.57 7.35 26.27
N VAL C 217 -12.21 7.84 27.44
CA VAL C 217 -10.86 7.74 27.93
C VAL C 217 -10.79 6.52 28.86
N ARG C 218 -10.16 5.45 28.41
CA ARG C 218 -10.06 4.23 29.18
C ARG C 218 -9.11 4.32 30.38
N ALA C 219 -7.99 5.03 30.20
CA ALA C 219 -7.05 5.26 31.27
C ALA C 219 -6.22 6.49 30.96
N ALA C 220 -5.55 7.01 31.99
CA ALA C 220 -4.51 8.03 31.86
C ALA C 220 -3.38 7.58 32.76
N LEU C 221 -2.31 7.04 32.18
CA LEU C 221 -1.25 6.48 33.02
C LEU C 221 -0.45 7.57 33.70
N PRO C 222 -0.32 7.45 35.04
CA PRO C 222 0.53 8.36 35.80
C PRO C 222 1.85 8.59 35.06
N ALA C 223 2.33 9.82 35.10
CA ALA C 223 3.65 10.15 34.55
C ALA C 223 4.68 9.36 35.31
N GLY C 224 5.61 8.74 34.61
CA GLY C 224 6.62 7.92 35.28
C GLY C 224 6.25 6.46 35.51
N ALA C 225 5.09 6.03 34.98
CA ALA C 225 4.65 4.63 35.04
C ALA C 225 5.68 3.60 34.57
N ALA C 226 6.51 3.97 33.59
CA ALA C 226 7.43 3.00 32.95
C ALA C 226 8.74 2.78 33.71
N SER C 227 8.91 3.51 34.80
CA SER C 227 10.06 3.30 35.66
C SER C 227 9.63 2.69 37.00
N LEU C 228 8.38 2.25 37.10
CA LEU C 228 7.91 1.45 38.24
C LEU C 228 8.46 0.01 38.21
N ASP C 229 8.65 -0.58 39.39
CA ASP C 229 8.96 -2.01 39.49
C ASP C 229 7.68 -2.81 39.19
N ALA C 230 7.83 -4.10 38.88
CA ALA C 230 6.71 -4.92 38.42
C ALA C 230 5.52 -4.89 39.38
N GLY C 231 5.77 -4.99 40.68
CA GLY C 231 4.69 -5.06 41.67
C GLY C 231 3.87 -3.79 41.70
N ASP C 232 4.57 -2.66 41.72
CA ASP C 232 3.93 -1.33 41.65
C ASP C 232 3.30 -1.04 40.30
N PHE C 233 3.89 -1.58 39.23
CA PHE C 233 3.37 -1.40 37.88
C PHE C 233 2.04 -2.18 37.66
N ALA C 234 1.97 -3.39 38.23
CA ALA C 234 0.73 -4.19 38.26
C ALA C 234 -0.41 -3.50 39.02
N ALA C 235 -0.09 -2.84 40.14
CA ALA C 235 -1.12 -2.23 40.98
C ALA C 235 -1.56 -0.91 40.39
N MET C 236 -0.62 -0.22 39.78
CA MET C 236 -0.97 0.98 39.02
C MET C 236 -1.91 0.59 37.87
N SER C 237 -1.56 -0.48 37.16
CA SER C 237 -2.30 -0.93 35.97
C SER C 237 -3.74 -1.36 36.31
N ALA C 238 -3.89 -2.12 37.40
CA ALA C 238 -5.22 -2.60 37.85
C ALA C 238 -6.09 -1.42 38.28
N ALA C 239 -5.46 -0.36 38.81
CA ALA C 239 -6.16 0.89 39.12
C ALA C 239 -6.47 1.75 37.89
N ALA C 240 -5.60 1.71 36.88
CA ALA C 240 -5.68 2.64 35.73
C ALA C 240 -6.89 2.40 34.86
N PHE C 241 -7.24 1.13 34.70
CA PHE C 241 -8.31 0.75 33.80
C PHE C 241 -9.48 0.23 34.58
N ASP C 242 -10.68 0.40 34.01
CA ASP C 242 -11.88 -0.26 34.49
C ASP C 242 -11.79 -1.75 34.22
N ARG C 243 -11.72 -2.54 35.28
CA ARG C 243 -11.59 -4.00 35.17
C ARG C 243 -12.71 -4.68 34.36
N ASN C 244 -13.93 -4.13 34.42
CA ASN C 244 -15.05 -4.66 33.62
C ASN C 244 -14.88 -4.47 32.11
N TRP C 245 -14.39 -3.30 31.72
CA TRP C 245 -14.01 -3.07 30.32
C TRP C 245 -12.87 -4.03 29.87
N VAL C 246 -11.80 -4.15 30.67
CA VAL C 246 -10.67 -5.04 30.37
C VAL C 246 -11.11 -6.50 30.21
N ALA C 247 -11.78 -7.01 31.23
CA ALA C 247 -12.30 -8.38 31.22
C ALA C 247 -13.21 -8.65 30.02
N GLY C 248 -13.91 -7.62 29.54
CA GLY C 248 -14.80 -7.77 28.40
C GLY C 248 -14.23 -7.64 27.00
N LEU C 249 -12.93 -7.36 26.89
CA LEU C 249 -12.28 -7.30 25.58
C LEU C 249 -12.25 -8.66 24.85
N VAL C 250 -12.20 -9.75 25.62
CA VAL C 250 -12.25 -11.08 25.03
C VAL C 250 -13.69 -11.63 24.96
N GLY C 251 -14.63 -10.88 25.53
CA GLY C 251 -16.05 -11.22 25.48
C GLY C 251 -16.48 -12.09 24.31
N MET D 26 -13.27 34.25 -7.02
CA MET D 26 -12.69 34.09 -5.64
C MET D 26 -11.39 33.29 -5.66
N THR D 27 -10.42 33.77 -4.89
CA THR D 27 -9.08 33.22 -4.91
C THR D 27 -8.57 33.10 -3.48
N ILE D 28 -9.20 32.19 -2.73
CA ILE D 28 -8.85 31.97 -1.34
C ILE D 28 -8.09 30.67 -1.12
N LEU D 29 -7.09 30.76 -0.24
CA LEU D 29 -6.24 29.65 0.11
C LEU D 29 -6.18 29.59 1.61
N VAL D 30 -6.68 28.52 2.23
CA VAL D 30 -6.44 28.33 3.66
C VAL D 30 -5.01 27.79 3.86
N VAL D 31 -4.30 28.36 4.83
CA VAL D 31 -2.99 27.88 5.17
C VAL D 31 -3.12 27.12 6.49
N THR D 32 -3.28 25.80 6.38
CA THR D 32 -3.32 24.94 7.55
C THR D 32 -1.97 24.23 7.68
N GLY D 33 -1.86 23.38 8.69
CA GLY D 33 -0.64 22.66 8.89
C GLY D 33 -0.87 21.45 9.76
N THR D 34 0.21 20.72 9.99
CA THR D 34 0.14 19.44 10.67
C THR D 34 -0.04 19.64 12.17
N GLY D 35 0.00 20.89 12.62
CA GLY D 35 -0.16 21.20 14.05
C GLY D 35 0.16 22.65 14.35
N THR D 36 0.47 22.96 15.60
CA THR D 36 0.94 24.30 15.93
C THR D 36 2.46 24.37 15.96
N GLY D 37 3.00 25.55 15.64
CA GLY D 37 4.45 25.81 15.74
C GLY D 37 5.20 25.16 14.60
N VAL D 38 4.59 25.21 13.43
CA VAL D 38 4.96 24.38 12.30
C VAL D 38 5.49 25.23 11.12
N GLY D 39 5.19 26.53 11.15
CA GLY D 39 5.63 27.48 10.12
C GLY D 39 4.53 28.11 9.25
N LYS D 40 3.26 27.95 9.67
CA LYS D 40 2.11 28.47 8.94
C LYS D 40 2.22 29.99 8.78
N THR D 41 2.56 30.67 9.87
CA THR D 41 2.67 32.14 9.81
C THR D 41 3.78 32.60 8.86
N VAL D 42 4.99 32.08 9.01
CA VAL D 42 6.10 32.43 8.12
C VAL D 42 5.79 32.08 6.68
N VAL D 43 5.12 30.96 6.47
CA VAL D 43 4.73 30.56 5.12
C VAL D 43 3.72 31.57 4.60
N CYS D 44 2.77 31.97 5.43
CA CYS D 44 1.84 33.04 5.05
C CYS D 44 2.64 34.27 4.60
N ALA D 45 3.56 34.73 5.44
CA ALA D 45 4.44 35.86 5.11
C ALA D 45 5.29 35.66 3.84
N ALA D 46 5.81 34.44 3.65
CA ALA D 46 6.74 34.18 2.56
C ALA D 46 5.99 34.08 1.24
N LEU D 47 4.82 33.48 1.27
CA LEU D 47 3.95 33.47 0.11
C LEU D 47 3.44 34.89 -0.19
N ALA D 48 3.03 35.61 0.85
CA ALA D 48 2.58 36.96 0.67
C ALA D 48 3.69 37.78 -0.01
N SER D 49 4.90 37.69 0.57
CA SER D 49 6.05 38.41 0.06
C SER D 49 6.70 37.78 -1.14
N ALA D 50 5.90 37.10 -1.97
CA ALA D 50 6.39 36.58 -3.23
C ALA D 50 5.28 36.86 -4.21
N ALA D 51 4.05 36.74 -3.73
CA ALA D 51 2.88 37.12 -4.49
C ALA D 51 2.92 38.63 -4.78
N ARG D 52 3.42 39.40 -3.82
CA ARG D 52 3.62 40.82 -4.05
C ARG D 52 4.66 41.08 -5.16
N GLN D 53 5.87 40.53 -4.98
CA GLN D 53 6.95 40.66 -5.94
C GLN D 53 6.53 40.37 -7.38
N ALA D 54 5.48 39.56 -7.53
CA ALA D 54 4.90 39.28 -8.85
C ALA D 54 3.71 40.20 -9.15
N GLY D 55 3.50 41.17 -8.26
CA GLY D 55 2.44 42.17 -8.44
C GLY D 55 1.05 41.66 -8.13
N ILE D 56 0.95 40.66 -7.26
CA ILE D 56 -0.35 40.20 -6.78
C ILE D 56 -0.71 40.97 -5.50
N ASP D 57 -1.97 41.36 -5.40
CA ASP D 57 -2.43 41.99 -4.18
C ASP D 57 -2.74 40.86 -3.21
N VAL D 58 -2.38 41.04 -1.94
CA VAL D 58 -2.46 39.96 -0.97
C VAL D 58 -3.13 40.41 0.32
N ALA D 59 -4.17 39.70 0.75
CA ALA D 59 -4.71 39.90 2.10
C ALA D 59 -4.44 38.65 2.94
N VAL D 60 -4.27 38.84 4.24
CA VAL D 60 -4.09 37.73 5.16
C VAL D 60 -5.13 37.86 6.28
N CYS D 61 -5.84 36.75 6.52
CA CYS D 61 -6.88 36.66 7.55
C CYS D 61 -6.47 35.67 8.65
N LYS D 62 -6.53 36.12 9.89
CA LYS D 62 -6.45 35.22 11.01
C LYS D 62 -7.57 35.53 11.99
N PRO D 63 -8.76 34.91 11.80
CA PRO D 63 -9.99 35.22 12.54
C PRO D 63 -9.83 35.15 14.05
N VAL D 64 -9.11 34.13 14.52
CA VAL D 64 -8.98 33.87 15.94
C VAL D 64 -7.51 33.75 16.32
N GLN D 65 -7.09 34.61 17.25
CA GLN D 65 -5.68 34.68 17.67
C GLN D 65 -5.60 34.49 19.17
N THR D 66 -4.92 33.44 19.62
CA THR D 66 -4.72 33.21 21.05
C THR D 66 -3.30 33.58 21.50
N GLY D 67 -3.08 33.58 22.80
CA GLY D 67 -1.76 33.82 23.36
C GLY D 67 -1.33 35.26 23.26
N THR D 68 -2.28 36.18 23.40
CA THR D 68 -1.93 37.61 23.29
C THR D 68 -1.20 38.16 24.51
N ALA D 69 -1.49 37.62 25.70
CA ALA D 69 -0.75 37.98 26.92
C ALA D 69 0.74 37.69 26.77
N ARG D 70 1.09 36.83 25.82
CA ARG D 70 2.47 36.44 25.58
C ARG D 70 3.08 37.26 24.43
N GLY D 71 2.21 37.92 23.67
CA GLY D 71 2.65 38.74 22.56
C GLY D 71 2.37 38.13 21.20
N ASP D 72 1.72 36.96 21.18
CA ASP D 72 1.33 36.34 19.92
C ASP D 72 0.45 37.29 19.10
N ASP D 73 0.91 37.59 17.88
CA ASP D 73 0.15 38.37 16.90
C ASP D 73 0.66 37.96 15.52
N ASP D 74 0.03 36.96 14.92
CA ASP D 74 0.54 36.40 13.66
C ASP D 74 0.35 37.36 12.50
N LEU D 75 -0.67 38.20 12.63
CA LEU D 75 -0.95 39.27 11.67
C LEU D 75 0.22 40.27 11.63
N ALA D 76 0.65 40.76 12.78
CA ALA D 76 1.78 41.70 12.83
C ALA D 76 3.00 41.12 12.16
N GLU D 77 3.32 39.87 12.49
CA GLU D 77 4.48 39.18 11.92
C GLU D 77 4.46 39.17 10.39
N VAL D 78 3.30 38.88 9.81
CA VAL D 78 3.12 38.92 8.34
C VAL D 78 3.29 40.35 7.78
N GLY D 79 2.75 41.33 8.50
CA GLY D 79 2.95 42.73 8.16
C GLY D 79 4.43 43.12 8.10
N ARG D 80 5.17 42.81 9.17
CA ARG D 80 6.62 43.09 9.25
C ARG D 80 7.44 42.40 8.16
N LEU D 81 7.15 41.12 7.93
CA LEU D 81 7.96 40.28 7.04
C LEU D 81 7.67 40.46 5.55
N ALA D 82 6.40 40.61 5.21
CA ALA D 82 5.99 40.66 3.81
C ALA D 82 5.41 42.04 3.46
N GLY D 83 5.17 42.85 4.48
CA GLY D 83 4.63 44.18 4.25
C GLY D 83 3.15 44.25 3.93
N VAL D 84 2.44 43.12 4.05
CA VAL D 84 1.00 43.15 3.74
C VAL D 84 0.25 44.03 4.76
N THR D 85 -0.91 44.50 4.35
CA THR D 85 -1.56 45.64 4.95
C THR D 85 -3.03 45.29 5.25
N GLN D 86 -3.66 44.54 4.33
CA GLN D 86 -4.98 44.00 4.61
C GLN D 86 -4.80 42.76 5.49
N LEU D 87 -4.86 43.02 6.79
CA LEU D 87 -4.58 42.06 7.83
C LEU D 87 -5.83 42.05 8.69
N ALA D 88 -6.64 40.97 8.59
CA ALA D 88 -7.99 40.92 9.19
C ALA D 88 -8.19 39.86 10.30
N GLY D 89 -8.96 40.20 11.32
CA GLY D 89 -9.13 39.32 12.46
C GLY D 89 -10.37 39.68 13.23
N LEU D 90 -10.90 38.71 13.99
CA LEU D 90 -12.20 38.85 14.68
C LEU D 90 -12.13 38.78 16.21
N ALA D 91 -11.14 38.08 16.73
CA ALA D 91 -11.17 37.68 18.13
C ALA D 91 -9.75 37.42 18.60
N ARG D 92 -9.47 37.77 19.85
CA ARG D 92 -8.13 37.56 20.41
C ARG D 92 -8.28 37.15 21.85
N TYR D 93 -7.58 36.10 22.25
CA TYR D 93 -7.67 35.60 23.60
C TYR D 93 -6.28 35.63 24.26
N PRO D 94 -6.24 36.11 25.51
CA PRO D 94 -4.99 36.20 26.27
C PRO D 94 -4.27 34.85 26.48
N GLN D 95 -4.97 33.82 26.98
CA GLN D 95 -4.34 32.52 27.28
C GLN D 95 -3.87 31.70 26.06
N PRO D 96 -2.65 31.13 26.13
CA PRO D 96 -2.10 30.44 24.96
C PRO D 96 -2.57 28.99 24.84
N MET D 97 -3.85 28.80 24.56
CA MET D 97 -4.37 27.45 24.35
C MET D 97 -5.26 27.37 23.11
N ALA D 98 -5.80 26.18 22.84
CA ALA D 98 -6.73 26.08 21.73
C ALA D 98 -7.75 27.19 21.90
N PRO D 99 -8.22 27.79 20.79
CA PRO D 99 -9.27 28.81 20.86
C PRO D 99 -10.43 28.49 21.80
N ALA D 100 -10.98 27.28 21.75
CA ALA D 100 -12.12 26.98 22.59
C ALA D 100 -11.72 26.92 24.06
N ALA D 101 -10.45 26.62 24.34
CA ALA D 101 -9.99 26.55 25.70
C ALA D 101 -9.78 27.98 26.16
N ALA D 102 -9.13 28.76 25.31
CA ALA D 102 -8.83 30.14 25.62
C ALA D 102 -10.13 30.87 25.84
N ALA D 103 -11.10 30.62 24.97
CA ALA D 103 -12.37 31.28 25.04
C ALA D 103 -12.98 31.05 26.40
N GLU D 104 -13.05 29.78 26.79
CA GLU D 104 -13.70 29.40 28.03
C GLU D 104 -12.91 29.84 29.29
N HIS D 105 -11.59 30.03 29.16
CA HIS D 105 -10.81 30.70 30.20
C HIS D 105 -10.78 32.21 29.95
N ALA D 106 -11.95 32.81 30.06
CA ALA D 106 -12.16 34.22 29.77
C ALA D 106 -13.64 34.37 29.94
N GLY D 107 -14.35 33.27 29.69
CA GLY D 107 -15.78 33.18 29.96
C GLY D 107 -16.55 33.79 28.82
N MET D 108 -15.95 33.69 27.62
CA MET D 108 -16.44 34.38 26.43
C MET D 108 -16.39 33.49 25.19
N ALA D 109 -17.55 33.22 24.61
CA ALA D 109 -17.64 32.45 23.38
C ALA D 109 -16.58 32.78 22.29
N LEU D 110 -16.49 31.87 21.32
CA LEU D 110 -15.78 32.09 20.07
C LEU D 110 -16.69 32.85 19.11
N PRO D 111 -16.12 33.37 18.01
CA PRO D 111 -16.99 33.91 16.96
C PRO D 111 -17.92 32.84 16.35
N ALA D 112 -18.82 33.27 15.48
CA ALA D 112 -19.72 32.33 14.85
C ALA D 112 -19.18 32.02 13.47
N ARG D 113 -19.48 30.82 12.97
CA ARG D 113 -19.11 30.43 11.60
C ARG D 113 -19.46 31.56 10.59
N ASP D 114 -20.61 32.18 10.80
CA ASP D 114 -21.06 33.25 9.91
C ASP D 114 -20.10 34.45 9.89
N GLN D 115 -19.61 34.85 11.06
CA GLN D 115 -18.67 35.98 11.11
C GLN D 115 -17.39 35.69 10.33
N ILE D 116 -16.87 34.48 10.50
CA ILE D 116 -15.61 34.08 9.92
C ILE D 116 -15.73 33.91 8.41
N VAL D 117 -16.81 33.28 7.95
CA VAL D 117 -17.00 33.07 6.52
C VAL D 117 -17.22 34.38 5.70
N ARG D 118 -18.08 35.27 6.19
CA ARG D 118 -18.35 36.56 5.53
C ARG D 118 -17.16 37.49 5.55
N LEU D 119 -16.45 37.54 6.68
CA LEU D 119 -15.16 38.24 6.80
C LEU D 119 -14.18 37.87 5.71
N ILE D 120 -13.90 36.58 5.57
CA ILE D 120 -12.97 36.12 4.53
C ILE D 120 -13.51 36.48 3.15
N ALA D 121 -14.79 36.21 2.91
CA ALA D 121 -15.36 36.38 1.58
C ALA D 121 -15.35 37.84 1.14
N ASP D 122 -15.60 38.73 2.10
CA ASP D 122 -15.52 40.17 1.92
C ASP D 122 -14.11 40.64 1.57
N LEU D 123 -13.10 39.87 1.94
CA LEU D 123 -11.72 40.28 1.69
C LEU D 123 -11.34 40.10 0.25
N ASP D 124 -12.12 39.28 -0.46
CA ASP D 124 -11.69 38.88 -1.78
C ASP D 124 -11.90 39.98 -2.81
N ARG D 125 -10.86 40.22 -3.61
CA ARG D 125 -10.88 41.19 -4.70
C ARG D 125 -10.41 40.51 -6.00
N PRO D 126 -10.84 41.03 -7.16
CA PRO D 126 -10.21 40.60 -8.42
C PRO D 126 -8.71 40.84 -8.35
N GLY D 127 -7.93 39.84 -8.75
CA GLY D 127 -6.48 39.93 -8.75
C GLY D 127 -5.82 39.64 -7.41
N ARG D 128 -6.63 39.46 -6.37
CA ARG D 128 -6.15 39.31 -4.99
C ARG D 128 -6.02 37.85 -4.49
N LEU D 129 -4.84 37.53 -3.94
CA LEU D 129 -4.67 36.30 -3.16
C LEU D 129 -5.07 36.56 -1.71
N THR D 130 -6.07 35.84 -1.22
CA THR D 130 -6.39 35.88 0.21
C THR D 130 -5.91 34.60 0.90
N LEU D 131 -5.09 34.78 1.93
CA LEU D 131 -4.61 33.68 2.74
C LEU D 131 -5.32 33.71 4.08
N VAL D 132 -5.77 32.55 4.52
CA VAL D 132 -6.39 32.38 5.82
C VAL D 132 -5.59 31.43 6.68
N GLU D 133 -5.00 31.96 7.73
CA GLU D 133 -4.42 31.09 8.75
C GLU D 133 -5.43 30.80 9.88
N GLY D 134 -5.59 29.53 10.24
CA GLY D 134 -6.39 29.15 11.40
C GLY D 134 -5.50 29.15 12.62
N ALA D 135 -5.84 28.36 13.61
CA ALA D 135 -5.00 28.16 14.78
C ALA D 135 -4.70 26.66 14.84
N GLY D 136 -3.41 26.33 14.91
CA GLY D 136 -2.98 24.96 15.02
C GLY D 136 -3.26 24.19 13.75
N GLY D 137 -3.66 22.92 13.90
CA GLY D 137 -3.92 22.05 12.73
C GLY D 137 -5.33 22.12 12.18
N LEU D 138 -5.65 21.31 11.19
CA LEU D 138 -6.90 21.45 10.44
C LEU D 138 -8.19 21.38 11.27
N LEU D 139 -8.23 20.50 12.26
CA LEU D 139 -9.50 20.17 12.89
C LEU D 139 -9.73 20.86 14.23
N VAL D 140 -8.81 21.76 14.57
CA VAL D 140 -9.02 22.71 15.65
C VAL D 140 -10.30 23.53 15.47
N GLU D 141 -11.10 23.59 16.53
CA GLU D 141 -12.34 24.35 16.60
C GLU D 141 -12.07 25.86 16.61
N LEU D 142 -12.52 26.53 15.57
CA LEU D 142 -12.35 27.96 15.39
C LEU D 142 -13.62 28.71 15.75
N ALA D 143 -14.77 28.06 15.55
CA ALA D 143 -16.06 28.70 15.80
C ALA D 143 -17.00 27.72 16.44
N GLU D 144 -18.13 28.22 16.89
CA GLU D 144 -19.17 27.37 17.50
C GLU D 144 -20.22 26.94 16.47
N PRO D 145 -20.74 25.70 16.60
CA PRO D 145 -20.19 24.60 17.40
C PRO D 145 -19.30 23.66 16.55
N GLY D 146 -18.11 23.36 17.06
CA GLY D 146 -17.20 22.43 16.40
C GLY D 146 -16.81 22.79 14.97
N VAL D 147 -16.75 24.08 14.67
CA VAL D 147 -16.42 24.52 13.31
C VAL D 147 -14.91 24.72 13.09
N THR D 148 -14.41 24.17 11.99
CA THR D 148 -12.98 24.09 11.79
C THR D 148 -12.58 24.88 10.53
N LEU D 149 -11.27 24.93 10.29
CA LEU D 149 -10.75 25.60 9.11
C LEU D 149 -11.20 24.84 7.89
N ARG D 150 -11.56 23.58 8.08
CA ARG D 150 -11.94 22.76 6.97
C ARG D 150 -13.38 23.12 6.53
N ASP D 151 -14.24 23.37 7.50
CA ASP D 151 -15.59 23.86 7.22
C ASP D 151 -15.50 25.23 6.54
N VAL D 152 -14.66 26.10 7.08
CA VAL D 152 -14.42 27.39 6.44
C VAL D 152 -14.04 27.24 4.96
N ALA D 153 -13.09 26.36 4.67
CA ALA D 153 -12.57 26.22 3.31
C ALA D 153 -13.66 25.77 2.34
N VAL D 154 -14.49 24.85 2.81
CA VAL D 154 -15.61 24.35 2.02
C VAL D 154 -16.53 25.51 1.70
N ASP D 155 -16.95 26.25 2.73
CA ASP D 155 -17.88 27.37 2.54
C ASP D 155 -17.37 28.56 1.71
N VAL D 156 -16.06 28.71 1.53
CA VAL D 156 -15.53 29.78 0.69
C VAL D 156 -14.88 29.25 -0.56
N ALA D 157 -15.03 27.94 -0.78
CA ALA D 157 -14.38 27.23 -1.89
C ALA D 157 -12.89 27.53 -1.98
N ALA D 158 -12.20 27.45 -0.85
CA ALA D 158 -10.74 27.59 -0.81
C ALA D 158 -10.06 26.25 -1.02
N ALA D 159 -8.93 26.29 -1.70
CA ALA D 159 -8.01 25.18 -1.69
C ALA D 159 -7.22 25.31 -0.37
N ALA D 160 -6.47 24.28 0.00
CA ALA D 160 -5.69 24.31 1.21
C ALA D 160 -4.21 24.07 0.93
N LEU D 161 -3.38 24.87 1.58
CA LEU D 161 -1.95 24.69 1.55
C LEU D 161 -1.56 24.20 2.92
N VAL D 162 -0.89 23.07 2.98
CA VAL D 162 -0.56 22.52 4.29
C VAL D 162 0.94 22.61 4.57
N VAL D 163 1.24 23.17 5.73
CA VAL D 163 2.59 23.42 6.19
C VAL D 163 2.97 22.28 7.12
N VAL D 164 4.17 21.73 6.90
CA VAL D 164 4.63 20.50 7.57
C VAL D 164 6.06 20.71 8.05
N THR D 165 6.44 20.01 9.12
CA THR D 165 7.84 20.00 9.53
C THR D 165 8.60 19.02 8.65
N ALA D 166 9.93 19.05 8.73
CA ALA D 166 10.75 18.03 8.08
C ALA D 166 11.26 17.00 9.11
N ASP D 167 10.74 17.10 10.35
CA ASP D 167 11.13 16.29 11.50
C ASP D 167 10.37 14.96 11.63
N LEU D 168 10.77 14.19 12.65
CA LEU D 168 10.17 12.88 12.97
C LEU D 168 8.67 12.98 13.22
N GLY D 169 7.87 12.25 12.43
CA GLY D 169 6.41 12.24 12.60
C GLY D 169 5.62 12.95 11.50
N THR D 170 6.30 13.70 10.64
CA THR D 170 5.64 14.56 9.67
C THR D 170 4.84 13.78 8.61
N LEU D 171 5.31 12.59 8.31
CA LEU D 171 4.72 11.77 7.28
C LEU D 171 3.36 11.32 7.74
N ASN D 172 3.29 10.81 8.97
CA ASN D 172 2.02 10.41 9.52
C ASN D 172 1.04 11.58 9.67
N HIS D 173 1.51 12.67 10.28
CA HIS D 173 0.71 13.90 10.45
C HIS D 173 0.26 14.48 9.11
N THR D 174 1.16 14.45 8.11
CA THR D 174 0.83 14.93 6.77
C THR D 174 -0.27 14.11 6.08
N LYS D 175 -0.06 12.80 5.94
CA LYS D 175 -1.04 11.92 5.35
C LYS D 175 -2.40 12.04 6.04
N LEU D 176 -2.36 12.28 7.33
CA LEU D 176 -3.55 12.29 8.18
C LEU D 176 -4.35 13.57 7.89
N THR D 177 -3.63 14.65 7.62
CA THR D 177 -4.24 15.93 7.29
C THR D 177 -4.75 15.84 5.85
N LEU D 178 -3.97 15.23 4.98
CA LEU D 178 -4.33 15.17 3.57
C LEU D 178 -5.64 14.42 3.38
N GLU D 179 -5.81 13.37 4.15
CA GLU D 179 -7.00 12.54 4.09
C GLU D 179 -8.23 13.28 4.57
N ALA D 180 -8.03 14.14 5.56
CA ALA D 180 -9.11 14.81 6.25
C ALA D 180 -9.64 15.91 5.35
N LEU D 181 -8.74 16.44 4.52
CA LEU D 181 -9.09 17.39 3.48
C LEU D 181 -9.82 16.68 2.35
N ALA D 182 -9.27 15.56 1.91
CA ALA D 182 -9.86 14.82 0.80
C ALA D 182 -11.23 14.34 1.17
N ALA D 183 -11.48 14.12 2.47
CA ALA D 183 -12.78 13.63 2.91
C ALA D 183 -13.92 14.66 2.80
N GLN D 184 -13.59 15.95 2.73
CA GLN D 184 -14.57 17.01 2.41
C GLN D 184 -14.34 17.61 1.03
N GLN D 185 -13.54 16.93 0.20
CA GLN D 185 -13.22 17.38 -1.15
C GLN D 185 -12.64 18.80 -1.22
N VAL D 186 -11.88 19.20 -0.19
CA VAL D 186 -11.05 20.40 -0.28
C VAL D 186 -9.76 20.08 -1.03
N SER D 187 -9.46 20.84 -2.09
CA SER D 187 -8.19 20.69 -2.82
C SER D 187 -6.98 21.03 -1.94
N CSX D 188 -5.92 20.19 -1.93
CA CSX D 188 -4.57 20.56 -1.37
CB CSX D 188 -3.44 19.59 -0.79
SG CSX D 188 -2.91 18.36 -1.98
C CSX D 188 -3.93 21.17 -2.56
O CSX D 188 -3.93 20.56 -3.64
OD CSX D 188 -1.28 18.42 -1.86
N ALA D 189 -3.38 22.35 -2.34
CA ALA D 189 -2.69 23.13 -3.35
C ALA D 189 -1.22 22.75 -3.24
N GLY D 190 -0.88 22.02 -2.17
CA GLY D 190 0.45 21.46 -2.02
C GLY D 190 0.96 21.57 -0.60
N LEU D 191 2.23 21.26 -0.42
CA LEU D 191 2.88 21.23 0.90
C LEU D 191 3.94 22.32 0.99
N VAL D 192 4.26 22.74 2.20
CA VAL D 192 5.41 23.61 2.35
C VAL D 192 6.10 23.25 3.63
N ILE D 193 7.40 22.97 3.55
CA ILE D 193 8.18 22.75 4.76
C ILE D 193 8.46 24.09 5.43
N GLY D 194 7.92 24.27 6.63
CA GLY D 194 8.02 25.53 7.36
C GLY D 194 9.43 25.89 7.81
N SER D 195 10.27 24.86 7.93
CA SER D 195 11.66 25.04 8.32
C SER D 195 12.50 23.90 7.74
N TRP D 196 13.48 24.29 6.93
CA TRP D 196 14.41 23.38 6.29
C TRP D 196 15.82 23.59 6.86
N PRO D 197 16.37 22.55 7.51
CA PRO D 197 17.63 22.60 8.30
C PRO D 197 18.91 23.13 7.60
N ASP D 198 19.75 23.81 8.38
CA ASP D 198 20.98 24.48 7.91
C ASP D 198 22.04 23.43 7.57
N PRO D 199 22.37 22.58 8.56
CA PRO D 199 22.86 21.25 8.26
C PRO D 199 21.62 20.37 8.08
N PRO D 200 21.28 20.05 6.81
CA PRO D 200 20.07 19.36 6.29
C PRO D 200 19.66 17.95 6.80
N GLY D 201 20.40 17.34 7.74
CA GLY D 201 19.95 16.14 8.48
C GLY D 201 19.56 14.84 7.75
N LEU D 202 19.68 13.71 8.45
CA LEU D 202 19.33 12.39 7.87
C LEU D 202 17.82 12.12 7.81
N VAL D 203 17.15 12.33 8.94
CA VAL D 203 15.69 12.28 8.99
C VAL D 203 15.07 13.28 7.99
N ALA D 204 15.44 14.54 8.13
CA ALA D 204 14.90 15.60 7.29
C ALA D 204 15.01 15.33 5.79
N ALA D 205 16.14 14.78 5.34
CA ALA D 205 16.35 14.59 3.91
C ALA D 205 15.45 13.50 3.36
N SER D 206 15.30 12.41 4.11
CA SER D 206 14.46 11.30 3.68
C SER D 206 13.00 11.74 3.77
N ASN D 207 12.63 12.37 4.88
CA ASN D 207 11.34 13.07 4.97
C ASN D 207 10.99 13.96 3.75
N ARG D 208 11.91 14.81 3.29
CA ARG D 208 11.60 15.56 2.08
C ARG D 208 11.38 14.71 0.83
N SER D 209 12.20 13.68 0.63
CA SER D 209 12.01 12.77 -0.49
C SER D 209 10.65 12.06 -0.37
N ALA D 210 10.32 11.65 0.85
CA ALA D 210 9.04 10.98 1.10
C ALA D 210 7.84 11.91 0.80
N LEU D 211 7.84 13.10 1.40
CA LEU D 211 6.80 14.12 1.19
C LEU D 211 6.61 14.41 -0.30
N ALA D 212 7.73 14.58 -1.00
CA ALA D 212 7.72 14.89 -2.43
C ALA D 212 6.99 13.84 -3.29
N ARG D 213 7.00 12.58 -2.84
CA ARG D 213 6.32 11.51 -3.56
C ARG D 213 4.85 11.42 -3.19
N ILE D 214 4.50 11.98 -2.02
CA ILE D 214 3.12 12.11 -1.56
C ILE D 214 2.39 13.31 -2.22
N ALA D 215 3.07 14.46 -2.26
CA ALA D 215 2.47 15.67 -2.81
C ALA D 215 3.51 16.58 -3.45
N MET D 216 3.03 17.61 -4.13
CA MET D 216 3.91 18.65 -4.61
C MET D 216 4.37 19.47 -3.43
N VAL D 217 5.69 19.52 -3.22
CA VAL D 217 6.26 20.36 -2.17
C VAL D 217 6.52 21.71 -2.81
N ARG D 218 5.80 22.72 -2.33
CA ARG D 218 5.73 23.98 -3.05
C ARG D 218 6.93 24.87 -2.74
N ALA D 219 7.37 24.81 -1.50
CA ALA D 219 8.56 25.51 -1.05
C ALA D 219 9.12 24.79 0.17
N ALA D 220 10.38 25.05 0.50
CA ALA D 220 10.91 24.71 1.82
C ALA D 220 11.65 25.93 2.30
N LEU D 221 11.15 26.51 3.37
CA LEU D 221 11.70 27.73 3.90
C LEU D 221 12.93 27.42 4.72
N PRO D 222 14.03 28.13 4.47
CA PRO D 222 15.22 28.12 5.33
C PRO D 222 14.84 28.19 6.81
N ALA D 223 15.66 27.62 7.67
CA ALA D 223 15.27 27.41 9.07
C ALA D 223 15.02 28.69 9.88
N GLY D 224 15.73 29.76 9.57
CA GLY D 224 15.58 30.97 10.36
C GLY D 224 14.80 32.11 9.71
N ALA D 225 14.10 31.80 8.62
CA ALA D 225 13.42 32.82 7.81
C ALA D 225 12.62 33.86 8.59
N ALA D 226 12.04 33.47 9.72
CA ALA D 226 11.17 34.36 10.48
C ALA D 226 11.94 35.56 11.05
N SER D 227 13.21 35.34 11.36
CA SER D 227 14.02 36.38 12.00
C SER D 227 14.94 37.13 11.02
N LEU D 228 14.58 37.12 9.75
CA LEU D 228 15.27 37.90 8.72
C LEU D 228 14.73 39.34 8.68
N ASP D 229 15.41 40.21 7.94
CA ASP D 229 14.93 41.59 7.76
C ASP D 229 14.30 41.78 6.37
N ALA D 230 13.27 42.63 6.31
CA ALA D 230 12.37 42.72 5.14
C ALA D 230 12.98 42.48 3.75
N GLY D 231 14.22 42.94 3.54
CA GLY D 231 14.95 42.70 2.27
C GLY D 231 15.46 41.27 2.12
N ASP D 232 16.09 40.75 3.18
CA ASP D 232 16.44 39.33 3.26
C ASP D 232 15.22 38.46 2.93
N PHE D 233 14.23 38.49 3.81
CA PHE D 233 12.97 37.74 3.64
C PHE D 233 12.42 37.74 2.22
N ALA D 234 12.39 38.90 1.59
CA ALA D 234 11.81 39.04 0.26
C ALA D 234 12.64 38.39 -0.85
N ALA D 235 13.97 38.44 -0.75
CA ALA D 235 14.81 37.73 -1.69
C ALA D 235 14.67 36.24 -1.41
N MET D 236 14.57 35.89 -0.12
CA MET D 236 14.36 34.53 0.31
C MET D 236 13.05 33.98 -0.28
N SER D 237 11.98 34.76 -0.11
CA SER D 237 10.64 34.37 -0.55
C SER D 237 10.53 34.23 -2.05
N ALA D 238 11.18 35.12 -2.79
CA ALA D 238 11.08 35.07 -4.26
C ALA D 238 11.88 33.89 -4.81
N ALA D 239 12.87 33.47 -4.03
CA ALA D 239 13.64 32.27 -4.36
C ALA D 239 12.90 30.99 -3.92
N ALA D 240 12.12 31.09 -2.84
CA ALA D 240 11.45 29.92 -2.26
C ALA D 240 10.41 29.25 -3.15
N PHE D 241 9.60 30.06 -3.85
CA PHE D 241 8.46 29.53 -4.61
C PHE D 241 8.66 29.59 -6.13
N ASP D 242 8.02 28.67 -6.86
CA ASP D 242 7.94 28.74 -8.31
C ASP D 242 7.11 29.94 -8.70
N ARG D 243 7.77 30.98 -9.19
CA ARG D 243 7.09 32.18 -9.71
C ARG D 243 5.91 31.82 -10.62
N ASN D 244 5.97 30.66 -11.26
CA ASN D 244 4.92 30.23 -12.17
C ASN D 244 3.67 29.66 -11.48
N TRP D 245 3.87 28.88 -10.41
CA TRP D 245 2.77 28.31 -9.64
C TRP D 245 2.01 29.42 -8.93
N VAL D 246 2.74 30.35 -8.33
CA VAL D 246 2.11 31.37 -7.48
C VAL D 246 1.47 32.53 -8.23
N ALA D 247 1.99 32.87 -9.41
CA ALA D 247 1.30 33.83 -10.27
C ALA D 247 0.01 33.22 -10.80
N GLY D 248 0.01 31.89 -10.93
CA GLY D 248 -1.13 31.16 -11.46
C GLY D 248 -2.20 30.95 -10.42
N LEU D 249 -1.95 31.45 -9.22
CA LEU D 249 -2.91 31.32 -8.13
C LEU D 249 -4.13 32.22 -8.31
N VAL D 250 -3.92 33.37 -8.92
CA VAL D 250 -5.00 34.35 -9.13
C VAL D 250 -5.25 34.56 -10.62
P PO4 E . -12.18 -12.18 -18.41
O1 PO4 E . -11.58 -12.57 -19.72
O2 PO4 E . -13.12 -13.22 -17.84
O3 PO4 E . -11.09 -11.82 -17.42
O4 PO4 E . -13.06 -10.97 -18.64
P PO4 F . -10.33 -10.28 -22.05
O1 PO4 F . -10.57 -11.41 -23.03
O2 PO4 F . -11.51 -10.15 -21.16
O3 PO4 F . -9.12 -10.59 -21.22
O4 PO4 F . -10.13 -9.02 -22.84
CN DTB G . 2.05 -28.08 -7.31
O DTB G . 1.17 -28.85 -7.64
N2 DTB G . 1.92 -26.77 -7.25
CR DTB G . 2.89 -26.17 -6.34
CS DTB G . 3.87 -27.34 -6.14
N1 DTB G . 3.26 -28.42 -6.92
CT DTB G . 5.28 -27.01 -6.59
CE DTB G . 3.50 -24.98 -7.05
CD DTB G . 3.30 -23.72 -6.22
CG DTB G . 2.09 -22.94 -6.72
CB DTB G . 1.53 -22.06 -5.61
CA DTB G . 0.06 -21.73 -5.85
C DTB G . -0.11 -20.23 -5.93
OI1 DTB G . -1.25 -19.76 -5.65
OI2 DTB G . 0.88 -19.51 -6.25
MG MG H . -13.52 -9.97 -20.43
P PO4 I . 6.48 -27.07 -9.51
O1 PO4 I . 7.26 -27.70 -10.64
O2 PO4 I . 5.44 -28.03 -9.05
O3 PO4 I . 7.39 -26.73 -8.38
O4 PO4 I . 5.88 -25.76 -9.98
P PO4 J . 6.73 -27.42 -13.86
O1 PO4 J . 6.52 -28.05 -15.22
O2 PO4 J . 7.96 -27.96 -13.20
O3 PO4 J . 6.94 -25.95 -14.04
O4 PO4 J . 5.54 -27.62 -12.97
CN DTB K . -9.42 -14.03 -25.57
O DTB K . -9.98 -15.06 -25.18
N2 DTB K . -8.32 -13.46 -25.03
CR DTB K . -7.81 -12.37 -25.87
CS DTB K . -9.09 -12.06 -26.69
N1 DTB K . -9.83 -13.30 -26.60
CT DTB K . -9.96 -10.95 -26.12
CE DTB K . -7.23 -11.19 -25.03
CD DTB K . -6.09 -11.64 -24.12
CG DTB K . -4.69 -11.11 -24.46
CB DTB K . -3.61 -11.77 -23.59
CA DTB K . -2.19 -11.45 -24.09
C DTB K . -1.02 -12.12 -23.36
OI1 DTB K . -0.38 -13.05 -23.91
OI2 DTB K . -0.69 -11.73 -22.22
MG MG L . 8.29 -29.48 -11.58
P PO4 M . 7.59 3.57 18.57
O1 PO4 M . 7.66 2.46 17.52
O2 PO4 M . 6.98 3.03 19.85
O3 PO4 M . 8.97 4.09 18.90
O4 PO4 M . 6.68 4.65 18.02
P PO4 N . 5.78 5.05 22.30
O1 PO4 N . 6.79 4.98 21.18
O2 PO4 N . 5.45 3.63 22.77
O3 PO4 N . 6.35 5.78 23.49
O4 PO4 N . 4.52 5.69 21.77
CN DTB O . -0.06 28.56 20.90
O DTB O . 1.06 28.51 21.37
N2 DTB O . -0.78 27.53 20.44
CR DTB O . -2.20 27.83 20.38
CS DTB O . -2.17 29.36 20.43
N1 DTB O . -0.79 29.68 20.82
CT DTB O . -2.49 29.98 19.06
CE DTB O . -2.76 27.34 19.04
CD DTB O . -2.72 25.83 18.89
CG DTB O . -4.00 25.13 19.34
CB DTB O . -3.84 23.60 19.31
CA DTB O . -5.09 22.89 19.83
C DTB O . -5.03 21.37 19.68
OI1 DTB O . -5.10 20.68 20.71
OI2 DTB O . -4.94 20.85 18.55
MG MG P . 6.65 1.98 21.50
P PO4 Q . 2.93 28.45 13.41
O1 PO4 Q . 3.70 27.90 12.26
O2 PO4 Q . 2.16 27.38 14.09
O3 PO4 Q . 3.90 29.02 14.40
O4 PO4 Q . 2.04 29.52 12.79
P PO4 R . -0.97 29.19 15.66
O1 PO4 R . -0.12 29.75 16.78
O2 PO4 R . -1.01 27.67 15.72
O3 PO4 R . -2.34 29.80 15.78
O4 PO4 R . -0.37 29.50 14.31
MG MG S . 1.08 30.94 13.27
#